data_3E6E
#
_entry.id   3E6E
#
_cell.length_a   94.597
_cell.length_b   156.186
_cell.length_c   146.930
_cell.angle_alpha   90.00
_cell.angle_beta   90.00
_cell.angle_gamma   90.00
#
_symmetry.space_group_name_H-M   'C 2 2 21'
#
loop_
_entity.id
_entity.type
_entity.pdbx_description
1 polymer 'Alanine racemase'
2 non-polymer D-[3-HYDROXY-2-METHYL-5-PHOSPHONOOXYMETHYL-PYRIDIN-4-YLMETHYL]-N,O-CYCLOSERYLAMIDE
3 water water
#
_entity_poly.entity_id   1
_entity_poly.type   'polypeptide(L)'
_entity_poly.pdbx_seq_one_letter_code
;MVVGWHRPTRLHIDTQAITENVQKECQRLPEGTALFAVVKANGYGHGAVESAKAAKKGGATGFCVALLDEAIELREAGVQ
DPILILSVVDLAYVPLLIQYDLSVTVATQEWLEAALQQLTPESNTPLRVHLKVDTGMGRIGFLTPEETKQAVRFVQSHKE
FLWEGIFTHFSTADEIDTSYFEKQAGRFKAVLAVLEELPRYVHVSNSATALWHPDVPGNMIRYGVAMYGLNPSGNKLAPS
YALKPALRLTSELIHVKRLAAGEGIGYGETYVTEAEEWIGTVPIGYADGWLRHLQGFTVLVNGKRCEIVGRVCMDQCMIR
LAEEVPVGPVVTLVGKDGNEENTLQMVAEKLETIHYEVACTFSQRIPREYN
;
_entity_poly.pdbx_strand_id   A,B,C
#
# COMPACT_ATOMS: atom_id res chain seq x y z
N VAL A 2 15.91 16.47 -13.68
CA VAL A 2 15.46 15.91 -12.38
C VAL A 2 14.17 15.12 -12.61
N VAL A 3 13.60 15.25 -13.80
CA VAL A 3 12.37 14.52 -14.13
C VAL A 3 12.67 13.43 -15.15
N GLY A 4 12.38 12.19 -14.80
CA GLY A 4 12.67 11.09 -15.71
C GLY A 4 11.70 10.82 -16.84
N TRP A 5 11.60 11.74 -17.79
CA TRP A 5 10.69 11.51 -18.91
C TRP A 5 11.16 10.35 -19.79
N HIS A 6 12.42 9.97 -19.67
CA HIS A 6 12.97 8.89 -20.48
C HIS A 6 12.89 7.52 -19.82
N ARG A 7 11.95 7.39 -18.89
CA ARG A 7 11.71 6.15 -18.18
C ARG A 7 10.20 5.96 -18.18
N PRO A 8 9.71 4.82 -18.65
CA PRO A 8 8.27 4.58 -18.68
C PRO A 8 7.49 4.69 -17.35
N THR A 9 8.19 4.93 -16.24
CA THR A 9 7.47 5.03 -14.98
C THR A 9 6.76 6.37 -14.92
N ARG A 10 5.43 6.34 -14.99
CA ARG A 10 4.62 7.57 -14.98
C ARG A 10 3.52 7.64 -13.92
N LEU A 11 3.16 8.87 -13.57
CA LEU A 11 2.12 9.13 -12.57
C LEU A 11 0.95 9.87 -13.27
N HIS A 12 -0.08 9.14 -13.70
CA HIS A 12 -1.23 9.73 -14.40
C HIS A 12 -2.26 10.39 -13.51
N ILE A 13 -2.48 11.68 -13.73
CA ILE A 13 -3.44 12.42 -12.94
C ILE A 13 -4.68 12.69 -13.74
N ASP A 14 -5.84 12.52 -13.11
CA ASP A 14 -7.13 12.74 -13.76
C ASP A 14 -7.75 14.04 -13.23
N THR A 15 -7.53 15.13 -13.95
CA THR A 15 -8.06 16.42 -13.50
C THR A 15 -9.60 16.45 -13.47
N GLN A 16 -10.24 15.89 -14.50
CA GLN A 16 -11.69 15.86 -14.58
C GLN A 16 -12.27 15.36 -13.26
N ALA A 17 -11.62 14.34 -12.69
CA ALA A 17 -12.06 13.75 -11.43
C ALA A 17 -12.01 14.74 -10.25
N ILE A 18 -10.93 15.53 -10.17
CA ILE A 18 -10.78 16.53 -9.11
C ILE A 18 -11.96 17.52 -9.21
N THR A 19 -12.25 17.96 -10.43
CA THR A 19 -13.36 18.87 -10.71
C THR A 19 -14.66 18.27 -10.17
N GLU A 20 -14.89 17.01 -10.54
CA GLU A 20 -16.10 16.31 -10.15
C GLU A 20 -16.20 16.11 -8.65
N ASN A 21 -15.07 15.85 -7.99
CA ASN A 21 -15.11 15.66 -6.55
C ASN A 21 -15.49 17.01 -5.92
N VAL A 22 -14.97 18.08 -6.51
CA VAL A 22 -15.26 19.41 -5.99
C VAL A 22 -16.69 19.86 -6.24
N GLN A 23 -17.23 19.57 -7.43
CA GLN A 23 -18.61 19.94 -7.73
C GLN A 23 -19.58 19.18 -6.84
N LYS A 24 -19.37 17.87 -6.69
CA LYS A 24 -20.27 17.08 -5.86
C LYS A 24 -20.47 17.78 -4.53
N GLU A 25 -19.36 18.03 -3.83
CA GLU A 25 -19.40 18.69 -2.54
C GLU A 25 -20.06 20.08 -2.58
N CYS A 26 -19.71 20.88 -3.58
CA CYS A 26 -20.27 22.23 -3.71
C CYS A 26 -21.80 22.22 -3.77
N GLN A 27 -22.37 21.17 -4.36
CA GLN A 27 -23.82 21.06 -4.52
C GLN A 27 -24.44 20.50 -3.25
N ARG A 28 -23.63 19.77 -2.51
CA ARG A 28 -24.04 19.13 -1.28
C ARG A 28 -23.93 20.17 -0.19
N LEU A 29 -23.20 21.23 -0.50
CA LEU A 29 -22.95 22.33 0.44
C LEU A 29 -24.12 23.30 0.61
N PRO A 30 -24.25 23.88 1.81
CA PRO A 30 -25.31 24.83 2.18
C PRO A 30 -25.52 25.96 1.19
N GLU A 31 -24.70 25.99 0.15
CA GLU A 31 -24.80 27.02 -0.88
C GLU A 31 -24.76 28.45 -0.32
N GLY A 32 -24.53 28.55 0.98
CA GLY A 32 -24.42 29.85 1.60
C GLY A 32 -23.00 29.65 2.14
N THR A 33 -22.23 28.83 1.43
CA THR A 33 -20.86 28.52 1.85
C THR A 33 -19.86 28.52 0.69
N ALA A 34 -18.60 28.76 1.02
CA ALA A 34 -17.56 28.79 0.00
C ALA A 34 -16.60 27.60 0.12
N LEU A 35 -16.11 27.15 -1.02
CA LEU A 35 -15.20 26.03 -1.05
C LEU A 35 -13.80 26.49 -1.39
N PHE A 36 -12.89 26.28 -0.45
CA PHE A 36 -11.51 26.63 -0.69
C PHE A 36 -10.82 25.30 -0.92
N ALA A 37 -9.95 25.27 -1.92
CA ALA A 37 -9.21 24.07 -2.26
C ALA A 37 -7.78 24.16 -1.77
N VAL A 38 -7.43 23.30 -0.81
CA VAL A 38 -6.07 23.29 -0.29
C VAL A 38 -5.26 22.42 -1.25
N VAL A 39 -4.21 23.02 -1.83
CA VAL A 39 -3.36 22.33 -2.80
C VAL A 39 -1.89 22.37 -2.45
N LYS A 40 -1.57 22.27 -1.16
CA LYS A 40 -0.18 22.29 -0.73
C LYS A 40 0.52 20.97 -1.06
N ALA A 41 1.80 20.89 -0.71
CA ALA A 41 2.62 19.70 -0.98
C ALA A 41 2.41 19.33 -2.45
N ASN A 42 2.59 20.33 -3.31
CA ASN A 42 2.43 20.21 -4.74
C ASN A 42 1.15 19.47 -5.11
N GLY A 43 0.02 19.97 -4.61
CA GLY A 43 -1.25 19.35 -4.91
C GLY A 43 -1.36 17.96 -4.33
N TYR A 44 -0.73 17.72 -3.19
CA TYR A 44 -0.82 16.43 -2.54
C TYR A 44 -0.18 15.37 -3.43
N GLY A 45 0.82 15.80 -4.18
CA GLY A 45 1.49 14.89 -5.06
C GLY A 45 0.87 14.91 -6.44
N HIS A 46 -0.33 15.48 -6.57
CA HIS A 46 -1.00 15.52 -7.86
C HIS A 46 -0.64 16.72 -8.73
N GLY A 47 0.01 17.72 -8.13
CA GLY A 47 0.37 18.92 -8.88
C GLY A 47 -0.51 20.09 -8.45
N ALA A 48 0.11 21.06 -7.77
CA ALA A 48 -0.57 22.24 -7.25
C ALA A 48 -1.34 23.08 -8.26
N VAL A 49 -0.65 23.63 -9.25
CA VAL A 49 -1.33 24.47 -10.21
C VAL A 49 -2.42 23.79 -11.01
N GLU A 50 -2.18 22.59 -11.52
CA GLU A 50 -3.20 21.91 -12.31
C GLU A 50 -4.32 21.35 -11.45
N SER A 51 -4.06 21.17 -10.15
CA SER A 51 -5.08 20.68 -9.22
C SER A 51 -5.99 21.87 -8.95
N ALA A 52 -5.37 22.98 -8.55
CA ALA A 52 -6.07 24.20 -8.26
C ALA A 52 -7.05 24.58 -9.38
N LYS A 53 -6.53 24.70 -10.59
CA LYS A 53 -7.34 25.05 -11.74
C LYS A 53 -8.52 24.09 -11.91
N ALA A 54 -8.27 22.82 -11.59
CA ALA A 54 -9.32 21.81 -11.71
C ALA A 54 -10.38 22.04 -10.65
N ALA A 55 -9.94 22.50 -9.49
CA ALA A 55 -10.83 22.79 -8.38
C ALA A 55 -11.58 24.08 -8.68
N LYS A 56 -10.97 24.98 -9.42
CA LYS A 56 -11.62 26.23 -9.75
C LYS A 56 -12.84 25.97 -10.65
N LYS A 57 -12.61 25.35 -11.80
CA LYS A 57 -13.70 25.04 -12.71
C LYS A 57 -14.69 24.11 -12.06
N GLY A 58 -14.33 23.60 -10.88
CA GLY A 58 -15.22 22.72 -10.15
C GLY A 58 -16.12 23.52 -9.21
N GLY A 59 -15.73 24.76 -8.93
CA GLY A 59 -16.54 25.59 -8.06
C GLY A 59 -15.77 26.27 -6.96
N ALA A 60 -14.48 26.02 -6.89
CA ALA A 60 -13.66 26.63 -5.85
C ALA A 60 -13.55 28.14 -6.08
N THR A 61 -13.41 28.89 -5.00
CA THR A 61 -13.29 30.34 -5.10
C THR A 61 -12.19 30.86 -4.21
N GLY A 62 -11.29 29.96 -3.82
CA GLY A 62 -10.17 30.31 -2.96
C GLY A 62 -9.20 29.16 -2.81
N PHE A 63 -7.99 29.45 -2.31
CA PHE A 63 -6.96 28.41 -2.15
C PHE A 63 -6.15 28.43 -0.86
N CYS A 64 -5.86 27.23 -0.35
CA CYS A 64 -5.07 27.04 0.87
C CYS A 64 -3.79 26.29 0.58
N VAL A 65 -2.68 26.81 1.10
CA VAL A 65 -1.38 26.20 0.91
C VAL A 65 -0.68 26.27 2.25
N ALA A 66 0.49 25.65 2.37
CA ALA A 66 1.23 25.68 3.62
C ALA A 66 2.35 26.70 3.61
N LEU A 67 2.93 26.95 2.45
CA LEU A 67 4.06 27.85 2.36
C LEU A 67 3.91 29.08 1.47
N LEU A 68 4.53 30.18 1.91
CA LEU A 68 4.49 31.41 1.15
C LEU A 68 4.94 31.09 -0.27
N ASP A 69 5.95 30.22 -0.37
CA ASP A 69 6.47 29.81 -1.67
C ASP A 69 5.37 29.21 -2.51
N GLU A 70 4.62 28.28 -1.93
CA GLU A 70 3.52 27.63 -2.64
C GLU A 70 2.54 28.67 -3.13
N ALA A 71 2.36 29.69 -2.29
CA ALA A 71 1.44 30.80 -2.58
C ALA A 71 1.90 31.60 -3.80
N ILE A 72 3.15 32.03 -3.79
CA ILE A 72 3.66 32.81 -4.91
C ILE A 72 3.51 32.02 -6.22
N GLU A 73 3.70 30.71 -6.17
CA GLU A 73 3.55 29.93 -7.38
C GLU A 73 2.15 30.16 -7.90
N LEU A 74 1.15 30.07 -7.01
CA LEU A 74 -0.23 30.29 -7.45
C LEU A 74 -0.44 31.64 -8.10
N ARG A 75 0.23 32.66 -7.58
CA ARG A 75 0.09 33.99 -8.15
C ARG A 75 0.73 34.03 -9.52
N GLU A 76 2.00 33.62 -9.60
CA GLU A 76 2.72 33.61 -10.86
C GLU A 76 1.99 32.79 -11.92
N ALA A 77 1.15 31.86 -11.48
CA ALA A 77 0.42 31.00 -12.39
C ALA A 77 -0.81 31.66 -12.98
N GLY A 78 -1.22 32.78 -12.39
CA GLY A 78 -2.40 33.48 -12.88
C GLY A 78 -3.64 33.31 -12.04
N VAL A 79 -3.49 32.75 -10.84
CA VAL A 79 -4.64 32.61 -9.96
C VAL A 79 -4.86 33.97 -9.32
N GLN A 80 -6.07 34.50 -9.46
CA GLN A 80 -6.39 35.82 -8.92
C GLN A 80 -7.31 35.75 -7.72
N ASP A 81 -7.69 34.55 -7.34
CA ASP A 81 -8.58 34.37 -6.20
C ASP A 81 -7.79 34.47 -4.90
N PRO A 82 -8.48 34.53 -3.76
CA PRO A 82 -7.84 34.60 -2.46
C PRO A 82 -6.97 33.38 -2.22
N ILE A 83 -5.76 33.61 -1.72
CA ILE A 83 -4.82 32.55 -1.41
C ILE A 83 -4.43 32.64 0.06
N LEU A 84 -4.94 31.72 0.87
CA LEU A 84 -4.61 31.72 2.29
C LEU A 84 -3.48 30.76 2.66
N ILE A 85 -2.51 31.27 3.40
CA ILE A 85 -1.39 30.48 3.87
C ILE A 85 -1.85 30.01 5.24
N LEU A 86 -1.98 28.69 5.37
CA LEU A 86 -2.45 28.03 6.59
C LEU A 86 -1.55 28.05 7.82
N SER A 87 -0.25 28.27 7.65
CA SER A 87 0.61 28.31 8.82
C SER A 87 1.18 29.71 9.03
N VAL A 88 1.97 29.87 10.09
CA VAL A 88 2.56 31.15 10.36
C VAL A 88 3.56 31.41 9.24
N VAL A 89 3.81 32.68 8.94
CA VAL A 89 4.77 33.05 7.91
C VAL A 89 5.71 34.00 8.58
N ASP A 90 7.00 33.72 8.48
CA ASP A 90 8.01 34.54 9.11
C ASP A 90 7.89 36.04 8.81
N LEU A 91 7.76 36.83 9.87
CA LEU A 91 7.64 38.29 9.81
C LEU A 91 8.45 38.97 8.73
N ALA A 92 9.59 38.40 8.41
CA ALA A 92 10.46 38.97 7.39
C ALA A 92 9.84 39.04 5.98
N TYR A 93 8.77 38.30 5.74
CA TYR A 93 8.14 38.30 4.41
C TYR A 93 6.78 39.00 4.32
N VAL A 94 6.45 39.82 5.31
CA VAL A 94 5.19 40.55 5.30
C VAL A 94 5.04 41.37 4.01
N PRO A 95 6.13 42.03 3.57
CA PRO A 95 6.07 42.82 2.34
C PRO A 95 5.71 41.99 1.12
N LEU A 96 6.12 40.72 1.09
CA LEU A 96 5.76 39.88 -0.05
C LEU A 96 4.27 39.58 0.07
N LEU A 97 3.81 39.36 1.29
CA LEU A 97 2.40 39.11 1.54
C LEU A 97 1.56 40.21 0.86
N ILE A 98 1.99 41.45 1.06
CA ILE A 98 1.34 42.63 0.48
C ILE A 98 1.52 42.57 -1.04
N GLN A 99 2.72 42.21 -1.47
CA GLN A 99 3.03 42.14 -2.89
C GLN A 99 2.07 41.22 -3.65
N TYR A 100 1.87 40.01 -3.14
CA TYR A 100 0.99 39.04 -3.79
C TYR A 100 -0.42 38.98 -3.20
N ASP A 101 -0.79 40.01 -2.44
CA ASP A 101 -2.09 40.10 -1.78
C ASP A 101 -2.53 38.74 -1.27
N LEU A 102 -1.72 38.18 -0.39
CA LEU A 102 -2.02 36.87 0.16
C LEU A 102 -2.58 36.99 1.56
N SER A 103 -3.43 36.05 1.91
CA SER A 103 -3.98 36.03 3.25
C SER A 103 -3.04 35.18 4.10
N VAL A 104 -2.80 35.61 5.33
CA VAL A 104 -1.89 34.89 6.22
C VAL A 104 -2.57 34.46 7.51
N THR A 105 -2.04 33.40 8.10
CA THR A 105 -2.56 32.90 9.36
C THR A 105 -1.77 33.59 10.45
N VAL A 106 -2.40 33.83 11.58
CA VAL A 106 -1.74 34.47 12.71
C VAL A 106 -2.21 33.78 13.98
N ALA A 107 -1.26 33.28 14.76
CA ALA A 107 -1.60 32.56 15.98
C ALA A 107 -1.05 33.16 17.28
N THR A 108 -0.62 34.41 17.22
CA THR A 108 -0.10 35.07 18.41
C THR A 108 -0.23 36.59 18.33
N GLN A 109 -0.29 37.22 19.49
CA GLN A 109 -0.44 38.67 19.59
C GLN A 109 0.89 39.30 19.23
N GLU A 110 1.96 38.72 19.76
CA GLU A 110 3.30 39.20 19.51
C GLU A 110 3.52 39.50 18.02
N TRP A 111 3.25 38.50 17.17
CA TRP A 111 3.42 38.62 15.71
C TRP A 111 2.69 39.84 15.15
N LEU A 112 1.38 39.89 15.39
CA LEU A 112 0.53 40.98 14.92
C LEU A 112 1.09 42.37 15.18
N GLU A 113 1.41 42.67 16.44
CA GLU A 113 1.94 43.98 16.79
C GLU A 113 3.31 44.20 16.16
N ALA A 114 3.93 43.11 15.74
CA ALA A 114 5.24 43.19 15.09
C ALA A 114 5.07 43.47 13.61
N ALA A 115 4.12 42.80 12.97
CA ALA A 115 3.87 43.01 11.54
C ALA A 115 3.41 44.45 11.32
N LEU A 116 2.70 44.98 12.30
CA LEU A 116 2.19 46.34 12.25
C LEU A 116 3.33 47.32 12.00
N GLN A 117 4.46 47.07 12.66
CA GLN A 117 5.63 47.92 12.51
C GLN A 117 5.91 48.16 11.04
N GLN A 118 6.17 47.08 10.31
CA GLN A 118 6.49 47.18 8.88
C GLN A 118 5.33 47.48 7.94
N LEU A 119 4.16 47.78 8.50
CA LEU A 119 2.99 48.10 7.69
C LEU A 119 2.77 49.61 7.64
N THR A 120 2.54 50.13 6.44
CA THR A 120 2.32 51.55 6.23
C THR A 120 0.86 51.90 6.48
N PRO A 121 0.61 52.87 7.38
CA PRO A 121 -0.73 53.34 7.76
C PRO A 121 -1.76 53.22 6.65
N GLU A 122 -1.50 53.87 5.51
CA GLU A 122 -2.43 53.86 4.39
C GLU A 122 -1.81 53.23 3.15
N SER A 123 -1.27 52.03 3.31
CA SER A 123 -0.63 51.30 2.21
C SER A 123 -1.65 50.92 1.13
N ASN A 124 -2.90 51.31 1.34
CA ASN A 124 -3.97 50.95 0.42
C ASN A 124 -4.00 49.46 0.11
N THR A 125 -3.06 48.73 0.71
CA THR A 125 -3.09 47.27 0.66
C THR A 125 -3.07 46.69 2.08
N PRO A 126 -4.25 46.45 2.64
CA PRO A 126 -4.37 45.90 3.99
C PRO A 126 -3.87 44.47 4.06
N LEU A 127 -3.39 44.07 5.22
CA LEU A 127 -2.88 42.72 5.40
C LEU A 127 -4.07 41.81 5.72
N ARG A 128 -4.48 41.03 4.73
CA ARG A 128 -5.61 40.09 4.88
C ARG A 128 -5.19 38.98 5.84
N VAL A 129 -5.61 39.06 7.09
CA VAL A 129 -5.25 38.06 8.10
C VAL A 129 -6.38 37.16 8.55
N HIS A 130 -6.03 35.94 8.95
CA HIS A 130 -6.99 34.97 9.45
C HIS A 130 -6.45 34.59 10.83
N LEU A 131 -7.27 34.71 11.85
CA LEU A 131 -6.85 34.40 13.22
C LEU A 131 -7.15 32.95 13.58
N LYS A 132 -6.11 32.12 13.68
CA LYS A 132 -6.36 30.73 14.02
C LYS A 132 -6.38 30.51 15.53
N VAL A 133 -7.48 29.94 16.00
CA VAL A 133 -7.63 29.63 17.41
C VAL A 133 -7.48 28.10 17.61
N ASP A 134 -6.61 27.71 18.53
CA ASP A 134 -6.40 26.31 18.81
C ASP A 134 -7.50 25.90 19.72
N THR A 135 -8.17 24.80 19.39
CA THR A 135 -9.30 24.31 20.15
C THR A 135 -9.17 22.83 20.48
N GLY A 136 -8.04 22.25 20.12
CA GLY A 136 -7.96 20.82 19.85
C GLY A 136 -7.05 20.51 18.67
N MET A 137 -6.09 19.61 18.89
CA MET A 137 -5.15 19.23 17.86
C MET A 137 -3.77 19.81 18.13
N GLY A 138 -3.73 20.95 18.81
CA GLY A 138 -2.53 21.40 19.49
C GLY A 138 -1.34 21.49 18.57
N ARG A 139 -1.41 22.39 17.59
CA ARG A 139 -0.26 22.72 16.75
C ARG A 139 0.00 24.23 16.75
N ILE A 140 -1.01 25.04 16.42
CA ILE A 140 -0.87 26.51 16.42
C ILE A 140 -2.21 27.18 16.69
N GLY A 141 -2.15 28.43 17.16
CA GLY A 141 -3.36 29.18 17.42
C GLY A 141 -3.55 29.68 18.84
N PHE A 142 -4.49 30.60 19.00
CA PHE A 142 -4.81 31.17 20.30
C PHE A 142 -5.57 30.14 21.11
N LEU A 143 -5.15 29.94 22.35
CA LEU A 143 -5.79 28.97 23.23
C LEU A 143 -7.12 29.38 23.87
N THR A 144 -7.28 30.65 24.25
CA THR A 144 -8.50 31.09 24.90
C THR A 144 -9.31 32.18 24.19
N PRO A 145 -10.61 32.29 24.50
CA PRO A 145 -11.55 33.27 23.93
C PRO A 145 -11.07 34.71 24.10
N GLU A 146 -10.70 35.08 25.33
CA GLU A 146 -10.23 36.42 25.61
C GLU A 146 -9.00 36.74 24.78
N GLU A 147 -8.15 35.75 24.57
CA GLU A 147 -6.95 35.91 23.78
C GLU A 147 -7.28 36.30 22.34
N THR A 148 -8.31 35.66 21.80
CA THR A 148 -8.71 35.96 20.45
C THR A 148 -9.43 37.30 20.41
N LYS A 149 -10.18 37.58 21.49
CA LYS A 149 -10.90 38.84 21.62
C LYS A 149 -9.88 39.97 21.55
N GLN A 150 -8.77 39.78 22.25
CA GLN A 150 -7.67 40.74 22.27
C GLN A 150 -7.06 40.87 20.88
N ALA A 151 -6.85 39.73 20.23
CA ALA A 151 -6.27 39.71 18.90
C ALA A 151 -7.19 40.42 17.92
N VAL A 152 -8.46 40.06 17.99
CA VAL A 152 -9.45 40.64 17.11
C VAL A 152 -9.55 42.17 17.28
N ARG A 153 -9.87 42.61 18.50
CA ARG A 153 -10.04 44.04 18.77
C ARG A 153 -8.81 44.81 18.34
N PHE A 154 -7.66 44.13 18.31
CA PHE A 154 -6.43 44.78 17.91
C PHE A 154 -6.41 44.93 16.40
N VAL A 155 -6.65 43.83 15.71
CA VAL A 155 -6.63 43.84 14.26
C VAL A 155 -7.65 44.81 13.68
N GLN A 156 -8.87 44.81 14.20
CA GLN A 156 -9.91 45.71 13.73
C GLN A 156 -9.48 47.15 13.97
N SER A 157 -8.51 47.31 14.85
CA SER A 157 -8.01 48.63 15.20
C SER A 157 -7.13 49.31 14.18
N HIS A 158 -6.01 48.68 13.83
CA HIS A 158 -4.84 49.41 13.34
C HIS A 158 -4.98 49.70 11.85
N LYS A 159 -5.65 48.82 11.13
CA LYS A 159 -6.32 49.19 9.89
C LYS A 159 -5.36 49.24 8.71
N GLU A 160 -4.09 48.93 8.97
CA GLU A 160 -3.17 48.27 8.06
C GLU A 160 -3.53 46.80 7.87
N PHE A 161 -4.34 46.28 8.79
CA PHE A 161 -4.80 44.90 8.71
C PHE A 161 -6.19 44.91 8.07
N LEU A 162 -6.80 43.73 7.97
CA LEU A 162 -8.15 43.62 7.45
C LEU A 162 -8.96 42.59 8.23
N TRP A 163 -8.31 41.48 8.59
CA TRP A 163 -9.00 40.36 9.23
C TRP A 163 -10.08 39.64 8.44
N GLU A 164 -9.65 38.81 7.49
CA GLU A 164 -10.56 38.19 6.56
C GLU A 164 -11.36 37.10 7.24
N GLY A 165 -10.83 36.54 8.33
CA GLY A 165 -11.58 35.50 9.00
C GLY A 165 -10.97 34.84 10.21
N ILE A 166 -11.75 33.94 10.80
CA ILE A 166 -11.32 33.16 11.95
C ILE A 166 -11.59 31.72 11.55
N PHE A 167 -10.84 30.81 12.15
CA PHE A 167 -10.99 29.39 11.87
C PHE A 167 -10.19 28.56 12.83
N THR A 168 -10.50 27.28 12.85
CA THR A 168 -9.77 26.34 13.66
C THR A 168 -9.67 25.03 12.86
N HIS A 169 -9.01 24.03 13.41
CA HIS A 169 -8.84 22.80 12.67
C HIS A 169 -9.13 21.62 13.58
N PHE A 170 -9.87 20.66 13.07
CA PHE A 170 -10.20 19.49 13.86
C PHE A 170 -9.12 18.39 13.78
N SER A 171 -9.01 17.60 14.84
CA SER A 171 -8.01 16.53 14.86
C SER A 171 -8.64 15.15 14.84
N THR A 172 -9.94 15.07 15.07
CA THR A 172 -10.65 13.80 15.10
C THR A 172 -11.92 13.76 14.27
N ALA A 173 -12.04 14.65 13.31
CA ALA A 173 -13.25 14.71 12.47
C ALA A 173 -13.50 13.46 11.64
N ASP A 174 -12.46 12.69 11.36
CA ASP A 174 -12.65 11.48 10.56
C ASP A 174 -12.81 10.25 11.43
N GLU A 175 -12.99 10.47 12.74
CA GLU A 175 -13.14 9.37 13.68
C GLU A 175 -14.62 9.05 13.94
N ILE A 176 -14.92 7.77 14.14
CA ILE A 176 -16.29 7.32 14.39
C ILE A 176 -16.80 7.99 15.66
N ASP A 177 -15.98 7.94 16.71
CA ASP A 177 -16.34 8.55 17.99
C ASP A 177 -16.29 10.07 17.80
N THR A 178 -17.41 10.73 18.02
CA THR A 178 -17.48 12.17 17.84
C THR A 178 -17.16 13.03 19.08
N SER A 179 -16.84 12.40 20.19
CA SER A 179 -16.56 13.13 21.43
C SER A 179 -15.58 14.31 21.29
N TYR A 180 -14.32 14.00 21.03
CA TYR A 180 -13.31 15.03 20.90
C TYR A 180 -13.77 16.10 19.91
N PHE A 181 -14.39 15.69 18.82
CA PHE A 181 -14.85 16.64 17.82
C PHE A 181 -15.78 17.66 18.47
N GLU A 182 -16.85 17.15 19.07
CA GLU A 182 -17.84 17.97 19.75
C GLU A 182 -17.15 18.96 20.68
N LYS A 183 -16.15 18.48 21.41
CA LYS A 183 -15.40 19.34 22.32
C LYS A 183 -14.78 20.51 21.57
N GLN A 184 -14.06 20.23 20.50
CA GLN A 184 -13.44 21.32 19.75
C GLN A 184 -14.51 22.28 19.25
N ALA A 185 -15.61 21.75 18.75
CA ALA A 185 -16.69 22.60 18.28
C ALA A 185 -17.13 23.53 19.42
N GLY A 186 -17.25 22.95 20.62
CA GLY A 186 -17.65 23.73 21.77
C GLY A 186 -16.70 24.90 22.02
N ARG A 187 -15.43 24.61 22.22
CA ARG A 187 -14.43 25.65 22.45
C ARG A 187 -14.45 26.73 21.38
N PHE A 188 -14.76 26.36 20.15
CA PHE A 188 -14.78 27.34 19.07
C PHE A 188 -16.06 28.16 19.11
N LYS A 189 -17.06 27.64 19.81
CA LYS A 189 -18.31 28.38 19.93
C LYS A 189 -18.03 29.51 20.92
N ALA A 190 -17.36 29.16 22.01
CA ALA A 190 -17.01 30.12 23.04
C ALA A 190 -16.24 31.28 22.44
N VAL A 191 -15.22 30.95 21.68
CA VAL A 191 -14.35 31.93 21.04
C VAL A 191 -15.17 32.97 20.28
N LEU A 192 -16.02 32.52 19.38
CA LEU A 192 -16.84 33.40 18.57
C LEU A 192 -17.89 34.10 19.41
N ALA A 193 -18.14 33.54 20.60
CA ALA A 193 -19.16 34.07 21.53
C ALA A 193 -18.82 35.41 22.18
N VAL A 194 -17.53 35.73 22.26
CA VAL A 194 -17.17 36.98 22.87
C VAL A 194 -16.90 38.07 21.84
N LEU A 195 -16.93 37.71 20.57
CA LEU A 195 -16.70 38.69 19.51
C LEU A 195 -18.02 39.23 19.03
N GLU A 196 -18.31 40.50 19.32
CA GLU A 196 -19.57 41.05 18.85
C GLU A 196 -19.33 41.48 17.41
N GLU A 197 -19.04 40.50 16.55
CA GLU A 197 -18.77 40.73 15.14
C GLU A 197 -17.95 39.57 14.54
N LEU A 198 -18.06 39.36 13.22
CA LEU A 198 -17.34 38.29 12.54
C LEU A 198 -16.84 38.81 11.20
N PRO A 199 -15.80 38.17 10.64
CA PRO A 199 -15.24 38.58 9.35
C PRO A 199 -15.88 37.90 8.17
N ARG A 200 -15.28 38.07 6.99
CA ARG A 200 -15.83 37.49 5.77
C ARG A 200 -15.90 35.98 5.84
N TYR A 201 -14.86 35.36 6.41
CA TYR A 201 -14.79 33.91 6.51
C TYR A 201 -14.76 33.33 7.93
N VAL A 202 -15.58 32.32 8.16
CA VAL A 202 -15.63 31.67 9.46
C VAL A 202 -15.60 30.19 9.10
N HIS A 203 -14.40 29.61 9.16
CA HIS A 203 -14.20 28.22 8.77
C HIS A 203 -13.54 27.27 9.75
N VAL A 204 -14.05 26.05 9.79
CA VAL A 204 -13.55 25.01 10.68
C VAL A 204 -13.48 23.67 9.97
N SER A 205 -14.30 23.53 8.92
CA SER A 205 -14.44 22.30 8.15
C SER A 205 -13.34 21.84 7.19
N ASN A 206 -13.07 20.54 7.23
CA ASN A 206 -12.09 19.92 6.35
C ASN A 206 -12.79 18.78 5.63
N SER A 207 -12.06 18.14 4.77
CA SER A 207 -12.52 16.96 4.14
C SER A 207 -13.41 16.13 5.01
N ALA A 208 -12.83 15.62 6.04
CA ALA A 208 -13.54 14.81 7.00
C ALA A 208 -14.79 15.50 7.57
N THR A 209 -14.61 16.65 8.24
CA THR A 209 -15.75 17.35 8.86
C THR A 209 -16.87 17.63 7.86
N ALA A 210 -16.50 18.06 6.65
CA ALA A 210 -17.48 18.37 5.61
C ALA A 210 -18.33 17.16 5.23
N LEU A 211 -17.68 16.02 5.09
CA LEU A 211 -18.38 14.81 4.73
C LEU A 211 -19.30 14.33 5.85
N TRP A 212 -18.73 14.07 7.01
CA TRP A 212 -19.50 13.53 8.15
C TRP A 212 -20.11 14.47 9.19
N HIS A 213 -19.71 15.74 9.20
CA HIS A 213 -20.25 16.72 10.15
C HIS A 213 -20.71 17.95 9.38
N PRO A 214 -21.53 17.75 8.35
CA PRO A 214 -22.04 18.84 7.50
C PRO A 214 -22.80 19.96 8.20
N ASP A 215 -23.24 19.74 9.44
CA ASP A 215 -24.00 20.76 10.17
C ASP A 215 -23.16 21.73 11.05
N VAL A 216 -21.89 21.42 11.29
CA VAL A 216 -21.05 22.31 12.09
C VAL A 216 -21.10 23.72 11.49
N PRO A 217 -21.07 24.77 12.35
CA PRO A 217 -21.12 26.20 11.95
C PRO A 217 -19.96 26.67 11.05
N GLY A 218 -20.26 27.46 10.02
CA GLY A 218 -19.19 27.94 9.16
C GLY A 218 -19.72 28.35 7.80
N ASN A 219 -18.98 29.19 7.10
CA ASN A 219 -19.41 29.67 5.79
C ASN A 219 -18.40 29.37 4.67
N MET A 220 -17.40 28.57 5.01
CA MET A 220 -16.37 28.16 4.07
C MET A 220 -15.64 26.91 4.60
N ILE A 221 -15.37 25.96 3.72
CA ILE A 221 -14.67 24.76 4.15
C ILE A 221 -13.37 24.65 3.38
N ARG A 222 -12.38 24.06 4.04
CA ARG A 222 -11.07 23.85 3.42
C ARG A 222 -10.95 22.41 2.91
N TYR A 223 -11.55 22.15 1.76
CA TYR A 223 -11.56 20.82 1.15
C TYR A 223 -10.20 20.33 0.63
N GLY A 224 -9.68 19.26 1.23
CA GLY A 224 -8.41 18.73 0.80
C GLY A 224 -8.42 17.38 0.08
N VAL A 225 -8.03 16.34 0.82
CA VAL A 225 -7.95 14.97 0.30
C VAL A 225 -9.12 14.43 -0.50
N ALA A 226 -10.33 14.82 -0.11
CA ALA A 226 -11.48 14.32 -0.82
C ALA A 226 -11.53 14.85 -2.25
N MET A 227 -10.97 16.03 -2.52
CA MET A 227 -11.05 16.53 -3.88
C MET A 227 -10.11 15.75 -4.80
N TYR A 228 -9.39 14.80 -4.21
CA TYR A 228 -8.47 13.93 -4.94
C TYR A 228 -9.05 12.51 -5.01
N GLY A 229 -10.25 12.35 -4.44
CA GLY A 229 -10.93 11.07 -4.45
C GLY A 229 -10.51 10.05 -3.40
N LEU A 230 -9.96 10.52 -2.28
CA LEU A 230 -9.51 9.60 -1.26
C LEU A 230 -10.27 9.75 0.04
N ASN A 231 -10.81 8.62 0.51
CA ASN A 231 -11.58 8.59 1.75
C ASN A 231 -10.77 9.21 2.87
N PRO A 232 -11.12 10.44 3.28
CA PRO A 232 -10.38 11.11 4.35
C PRO A 232 -10.27 10.39 5.67
N SER A 233 -10.78 9.16 5.75
CA SER A 233 -10.68 8.41 7.00
C SER A 233 -10.09 7.02 6.76
N GLY A 234 -9.46 6.84 5.61
CA GLY A 234 -8.88 5.56 5.29
C GLY A 234 -9.97 4.59 4.88
N ASN A 235 -10.54 3.88 5.86
CA ASN A 235 -11.62 2.92 5.61
C ASN A 235 -12.53 2.79 6.83
N LYS A 236 -12.48 3.78 7.73
CA LYS A 236 -13.31 3.77 8.93
C LYS A 236 -14.77 4.18 8.67
N LEU A 237 -14.96 5.11 7.74
CA LEU A 237 -16.30 5.59 7.42
C LEU A 237 -16.54 5.72 5.92
N ALA A 238 -17.80 5.56 5.51
CA ALA A 238 -18.14 5.66 4.11
C ALA A 238 -18.40 7.13 3.77
N PRO A 239 -17.73 7.64 2.72
CA PRO A 239 -17.95 9.04 2.35
C PRO A 239 -19.42 9.29 2.08
N SER A 240 -19.80 10.55 2.13
CA SER A 240 -21.20 10.93 1.92
C SER A 240 -21.60 11.03 0.44
N TYR A 241 -20.64 10.73 -0.42
CA TYR A 241 -20.85 10.74 -1.86
C TYR A 241 -19.66 10.08 -2.55
N ALA A 242 -19.88 9.57 -3.75
CA ALA A 242 -18.86 8.87 -4.53
C ALA A 242 -17.64 9.69 -4.83
N LEU A 243 -16.52 9.33 -4.19
CA LEU A 243 -15.25 10.03 -4.42
C LEU A 243 -14.59 9.28 -5.56
N LYS A 244 -14.00 10.01 -6.50
CA LYS A 244 -13.35 9.38 -7.64
C LYS A 244 -11.84 9.64 -7.62
N PRO A 245 -11.06 8.59 -7.36
CA PRO A 245 -9.60 8.72 -7.31
C PRO A 245 -9.06 9.45 -8.54
N ALA A 246 -8.19 10.43 -8.30
CA ALA A 246 -7.61 11.21 -9.39
C ALA A 246 -6.19 10.77 -9.71
N LEU A 247 -5.54 10.11 -8.76
CA LEU A 247 -4.17 9.64 -8.89
C LEU A 247 -4.14 8.26 -9.55
N ARG A 248 -3.07 8.00 -10.30
CA ARG A 248 -2.87 6.73 -11.00
C ARG A 248 -1.36 6.55 -11.22
N LEU A 249 -0.86 5.34 -11.04
CA LEU A 249 0.58 5.10 -11.19
C LEU A 249 0.90 3.88 -12.03
N THR A 250 1.69 4.08 -13.08
CA THR A 250 2.07 2.98 -13.97
C THR A 250 3.54 2.97 -14.29
N SER A 251 3.96 1.88 -14.92
CA SER A 251 5.34 1.71 -15.36
C SER A 251 5.27 0.56 -16.34
N GLU A 252 6.40 -0.09 -16.60
CA GLU A 252 6.38 -1.22 -17.52
C GLU A 252 7.61 -2.10 -17.39
N LEU A 253 7.43 -3.38 -17.76
CA LEU A 253 8.48 -4.37 -17.72
C LEU A 253 9.63 -3.99 -18.64
N ILE A 254 10.83 -3.91 -18.10
CA ILE A 254 12.01 -3.57 -18.88
C ILE A 254 12.97 -4.76 -18.97
N HIS A 255 12.70 -5.79 -18.17
CA HIS A 255 13.52 -7.00 -18.14
C HIS A 255 12.68 -8.21 -17.76
N VAL A 256 12.87 -9.33 -18.46
CA VAL A 256 12.14 -10.56 -18.20
C VAL A 256 13.06 -11.77 -18.31
N LYS A 257 12.99 -12.66 -17.34
CA LYS A 257 13.82 -13.83 -17.35
C LYS A 257 13.12 -14.97 -16.65
N ARG A 258 13.68 -16.17 -16.79
CA ARG A 258 13.15 -17.35 -16.15
C ARG A 258 14.31 -17.74 -15.24
N LEU A 259 14.03 -18.10 -13.99
CA LEU A 259 15.08 -18.53 -13.08
C LEU A 259 14.74 -19.95 -12.66
N ALA A 260 15.76 -20.72 -12.31
CA ALA A 260 15.58 -22.10 -11.86
C ALA A 260 15.41 -22.15 -10.35
N ALA A 261 14.64 -23.13 -9.87
CA ALA A 261 14.42 -23.29 -8.44
C ALA A 261 15.72 -23.02 -7.66
N GLY A 262 15.60 -22.36 -6.53
CA GLY A 262 16.76 -22.10 -5.70
C GLY A 262 17.63 -20.89 -5.98
N GLU A 263 17.10 -19.90 -6.67
CA GLU A 263 17.88 -18.70 -6.97
C GLU A 263 17.45 -17.51 -6.12
N GLY A 264 18.42 -16.78 -5.58
CA GLY A 264 18.12 -15.63 -4.76
C GLY A 264 17.89 -14.36 -5.58
N ILE A 265 17.01 -13.50 -5.08
CA ILE A 265 16.71 -12.25 -5.77
C ILE A 265 16.79 -11.08 -4.79
N GLY A 266 17.28 -9.94 -5.29
CA GLY A 266 17.37 -8.75 -4.49
C GLY A 266 18.37 -8.82 -3.35
N TYR A 267 18.66 -7.63 -2.82
CA TYR A 267 19.59 -7.44 -1.72
C TYR A 267 19.36 -8.35 -0.54
N GLY A 268 20.44 -8.78 0.10
CA GLY A 268 20.36 -9.64 1.26
C GLY A 268 20.04 -11.09 0.95
N GLU A 269 19.35 -11.32 -0.17
CA GLU A 269 18.95 -12.67 -0.56
C GLU A 269 17.74 -13.06 0.25
N THR A 270 16.84 -12.10 0.48
CA THR A 270 15.62 -12.34 1.25
C THR A 270 14.57 -13.13 0.48
N TYR A 271 14.88 -13.49 -0.76
CA TYR A 271 13.94 -14.30 -1.52
C TYR A 271 14.65 -15.30 -2.43
N VAL A 272 14.12 -16.51 -2.51
CA VAL A 272 14.69 -17.53 -3.38
C VAL A 272 13.55 -18.28 -4.05
N THR A 273 13.70 -18.50 -5.34
CA THR A 273 12.72 -19.21 -6.13
C THR A 273 12.47 -20.56 -5.46
N GLU A 274 11.21 -20.83 -5.16
CA GLU A 274 10.81 -22.09 -4.53
C GLU A 274 10.86 -23.16 -5.63
N ALA A 275 10.84 -22.70 -6.87
CA ALA A 275 10.87 -23.56 -8.05
C ALA A 275 11.17 -22.67 -9.25
N GLU A 276 10.97 -23.20 -10.46
CA GLU A 276 11.22 -22.45 -11.68
C GLU A 276 10.12 -21.40 -11.88
N GLU A 277 10.50 -20.16 -12.16
CA GLU A 277 9.50 -19.11 -12.36
C GLU A 277 10.00 -17.89 -13.14
N TRP A 278 9.04 -17.12 -13.67
CA TRP A 278 9.33 -15.92 -14.45
C TRP A 278 9.38 -14.63 -13.61
N ILE A 279 10.49 -13.92 -13.73
CA ILE A 279 10.72 -12.69 -12.99
C ILE A 279 10.78 -11.45 -13.88
N GLY A 280 10.05 -10.40 -13.50
CA GLY A 280 10.04 -9.17 -14.26
C GLY A 280 10.72 -8.08 -13.46
N THR A 281 11.30 -7.09 -14.15
CA THR A 281 11.98 -6.00 -13.46
C THR A 281 11.33 -4.70 -13.88
N VAL A 282 10.92 -3.92 -12.90
CA VAL A 282 10.25 -2.64 -13.14
C VAL A 282 11.10 -1.46 -12.65
N PRO A 283 11.30 -0.45 -13.52
CA PRO A 283 12.10 0.75 -13.23
C PRO A 283 11.49 1.79 -12.27
N ILE A 284 11.09 1.33 -11.08
CA ILE A 284 10.53 2.19 -10.05
C ILE A 284 11.02 1.65 -8.73
N GLY A 285 11.57 2.55 -7.89
CA GLY A 285 12.10 2.13 -6.61
C GLY A 285 11.78 3.06 -5.47
N TYR A 286 12.42 2.86 -4.32
CA TYR A 286 12.11 3.69 -3.19
C TYR A 286 12.54 5.13 -3.34
N ALA A 287 13.30 5.43 -4.38
CA ALA A 287 13.74 6.79 -4.62
C ALA A 287 12.58 7.51 -5.28
N ASP A 288 11.62 6.73 -5.78
CA ASP A 288 10.44 7.27 -6.44
C ASP A 288 9.35 7.43 -5.40
N GLY A 289 9.54 6.73 -4.28
CA GLY A 289 8.57 6.74 -3.20
C GLY A 289 7.83 5.42 -3.10
N TRP A 290 8.37 4.40 -3.76
CA TRP A 290 7.80 3.05 -3.72
C TRP A 290 8.65 2.39 -2.65
N LEU A 291 8.40 2.78 -1.39
CA LEU A 291 9.14 2.32 -0.23
C LEU A 291 9.38 0.82 -0.08
N ARG A 292 10.55 0.50 0.45
CA ARG A 292 10.98 -0.87 0.66
C ARG A 292 9.95 -1.77 1.32
N HIS A 293 9.06 -1.21 2.13
CA HIS A 293 8.07 -2.07 2.75
C HIS A 293 6.94 -2.47 1.83
N LEU A 294 7.09 -2.25 0.54
CA LEU A 294 6.04 -2.64 -0.36
C LEU A 294 6.24 -4.07 -0.85
N GLN A 295 7.30 -4.72 -0.38
CA GLN A 295 7.56 -6.11 -0.77
C GLN A 295 6.33 -6.92 -0.43
N GLY A 296 6.07 -7.96 -1.21
CA GLY A 296 4.91 -8.80 -0.94
C GLY A 296 3.65 -8.18 -1.51
N PHE A 297 3.70 -6.88 -1.75
CA PHE A 297 2.55 -6.18 -2.33
C PHE A 297 2.52 -6.68 -3.78
N THR A 298 1.33 -6.73 -4.38
CA THR A 298 1.21 -7.20 -5.75
C THR A 298 0.74 -6.12 -6.72
N VAL A 299 1.44 -5.99 -7.84
CA VAL A 299 1.08 -5.01 -8.86
C VAL A 299 0.33 -5.69 -10.00
N LEU A 300 -0.05 -4.92 -11.01
CA LEU A 300 -0.82 -5.48 -12.11
C LEU A 300 -0.21 -5.51 -13.50
N VAL A 301 -0.23 -6.70 -14.07
CA VAL A 301 0.29 -6.95 -15.41
C VAL A 301 -0.82 -7.70 -16.15
N ASN A 302 -1.32 -7.11 -17.23
CA ASN A 302 -2.40 -7.74 -17.99
C ASN A 302 -3.54 -8.20 -17.10
N GLY A 303 -3.91 -7.37 -16.12
CA GLY A 303 -5.01 -7.72 -15.25
C GLY A 303 -4.79 -8.87 -14.29
N LYS A 304 -3.56 -9.34 -14.18
CA LYS A 304 -3.22 -10.43 -13.27
C LYS A 304 -2.35 -9.83 -12.17
N ARG A 305 -2.48 -10.32 -10.94
CA ARG A 305 -1.67 -9.78 -9.85
C ARG A 305 -0.27 -10.38 -9.86
N CYS A 306 0.73 -9.54 -9.54
CA CYS A 306 2.12 -9.97 -9.50
C CYS A 306 2.78 -9.52 -8.20
N GLU A 307 3.30 -10.48 -7.45
CA GLU A 307 3.93 -10.20 -6.18
C GLU A 307 5.34 -9.65 -6.30
N ILE A 308 5.62 -8.61 -5.51
CA ILE A 308 6.94 -8.02 -5.50
C ILE A 308 7.81 -8.96 -4.65
N VAL A 309 8.84 -9.52 -5.27
CA VAL A 309 9.71 -10.44 -4.55
C VAL A 309 11.09 -9.84 -4.39
N GLY A 310 11.77 -10.20 -3.32
CA GLY A 310 13.08 -9.64 -3.08
C GLY A 310 12.93 -8.21 -2.57
N ARG A 311 14.03 -7.59 -2.17
CA ARG A 311 13.96 -6.23 -1.68
C ARG A 311 13.74 -5.24 -2.82
N VAL A 312 13.02 -4.18 -2.49
CA VAL A 312 12.73 -3.12 -3.43
C VAL A 312 14.04 -2.36 -3.51
N CYS A 313 14.52 -2.09 -4.72
CA CYS A 313 15.78 -1.35 -4.87
C CYS A 313 15.51 0.13 -4.96
N MET A 314 16.57 0.92 -4.83
CA MET A 314 16.48 2.37 -4.93
C MET A 314 15.75 2.70 -6.22
N ASP A 315 16.24 2.15 -7.33
CA ASP A 315 15.67 2.41 -8.66
C ASP A 315 14.81 1.39 -9.37
N GLN A 316 14.62 0.21 -8.78
CA GLN A 316 13.77 -0.80 -9.41
C GLN A 316 13.40 -1.91 -8.45
N CYS A 317 12.51 -2.78 -8.91
CA CYS A 317 12.10 -3.91 -8.10
C CYS A 317 11.65 -5.05 -9.00
N MET A 318 11.82 -6.28 -8.51
CA MET A 318 11.45 -7.43 -9.29
C MET A 318 10.18 -8.10 -8.79
N ILE A 319 9.36 -8.52 -9.73
CA ILE A 319 8.08 -9.16 -9.45
C ILE A 319 7.99 -10.56 -10.07
N ARG A 320 7.10 -11.37 -9.49
CA ARG A 320 6.88 -12.74 -9.94
C ARG A 320 5.73 -12.78 -10.92
N LEU A 321 6.08 -12.97 -12.20
CA LEU A 321 5.10 -13.04 -13.26
C LEU A 321 4.57 -14.46 -13.37
N ALA A 322 3.24 -14.59 -13.36
CA ALA A 322 2.60 -15.89 -13.44
C ALA A 322 2.20 -16.22 -14.88
N GLU A 323 3.20 -16.32 -15.75
CA GLU A 323 2.94 -16.48 -17.18
C GLU A 323 4.23 -16.63 -18.00
N GLU A 324 4.18 -16.20 -19.25
CA GLU A 324 5.36 -15.81 -20.01
C GLU A 324 5.07 -14.59 -20.89
N VAL A 325 5.86 -13.53 -20.68
CA VAL A 325 5.60 -12.26 -21.35
C VAL A 325 6.91 -11.59 -21.78
N PRO A 326 6.86 -10.87 -22.89
CA PRO A 326 8.03 -10.16 -23.41
C PRO A 326 8.15 -8.89 -22.60
N VAL A 327 9.10 -8.03 -23.00
CA VAL A 327 9.32 -6.75 -22.34
C VAL A 327 8.29 -5.73 -22.90
N GLY A 328 7.93 -4.73 -22.10
CA GLY A 328 6.99 -3.73 -22.60
C GLY A 328 5.56 -3.70 -22.08
N PRO A 329 5.00 -4.81 -21.58
CA PRO A 329 3.61 -4.72 -21.09
C PRO A 329 3.52 -3.66 -19.98
N VAL A 330 2.38 -2.99 -19.89
CA VAL A 330 2.20 -1.95 -18.86
C VAL A 330 2.08 -2.51 -17.45
N VAL A 331 2.84 -1.92 -16.53
CA VAL A 331 2.77 -2.36 -15.16
C VAL A 331 1.93 -1.35 -14.39
N THR A 332 0.82 -1.82 -13.84
CA THR A 332 -0.06 -0.97 -13.09
C THR A 332 0.11 -1.10 -11.58
N LEU A 333 0.67 -0.07 -10.96
CA LEU A 333 0.90 -0.07 -9.52
C LEU A 333 -0.29 0.53 -8.76
N VAL A 334 -0.88 1.60 -9.30
CA VAL A 334 -2.02 2.24 -8.66
C VAL A 334 -3.08 2.50 -9.73
N GLY A 335 -4.23 1.86 -9.61
CA GLY A 335 -5.27 2.05 -10.61
C GLY A 335 -5.95 0.73 -10.92
N LYS A 336 -6.52 0.61 -12.12
CA LYS A 336 -7.22 -0.60 -12.53
C LYS A 336 -6.54 -1.28 -13.71
N ASP A 337 -6.85 -2.55 -13.89
CA ASP A 337 -6.31 -3.35 -14.98
C ASP A 337 -7.16 -4.61 -14.96
N GLY A 338 -7.98 -4.77 -15.99
CA GLY A 338 -8.86 -5.91 -16.02
C GLY A 338 -9.85 -5.63 -14.91
N ASN A 339 -10.12 -6.62 -14.07
CA ASN A 339 -11.04 -6.43 -12.97
C ASN A 339 -10.36 -6.17 -11.64
N GLU A 340 -9.02 -6.17 -11.63
CA GLU A 340 -8.23 -5.93 -10.43
C GLU A 340 -8.04 -4.44 -10.18
N GLU A 341 -7.88 -4.07 -8.91
CA GLU A 341 -7.69 -2.67 -8.55
C GLU A 341 -6.67 -2.47 -7.44
N ASN A 342 -5.72 -1.57 -7.69
CA ASN A 342 -4.77 -1.21 -6.68
C ASN A 342 -5.10 0.24 -6.39
N THR A 343 -5.41 0.51 -5.13
CA THR A 343 -5.81 1.83 -4.68
C THR A 343 -4.75 2.40 -3.75
N LEU A 344 -4.74 3.71 -3.61
CA LEU A 344 -3.77 4.32 -2.71
C LEU A 344 -3.95 3.74 -1.30
N GLN A 345 -5.21 3.54 -0.88
CA GLN A 345 -5.47 3.00 0.45
C GLN A 345 -4.72 1.71 0.67
N MET A 346 -4.86 0.80 -0.29
CA MET A 346 -4.18 -0.50 -0.22
C MET A 346 -2.70 -0.25 -0.03
N VAL A 347 -2.15 0.69 -0.80
CA VAL A 347 -0.74 1.03 -0.67
C VAL A 347 -0.45 1.55 0.73
N ALA A 348 -1.35 2.39 1.25
CA ALA A 348 -1.19 2.96 2.57
C ALA A 348 -1.25 1.88 3.63
N GLU A 349 -2.22 0.99 3.51
CA GLU A 349 -2.36 -0.08 4.47
C GLU A 349 -1.15 -1.00 4.50
N LYS A 350 -0.60 -1.32 3.33
CA LYS A 350 0.57 -2.18 3.26
C LYS A 350 1.76 -1.46 3.86
N LEU A 351 1.74 -0.14 3.76
CA LEU A 351 2.81 0.71 4.28
C LEU A 351 2.56 1.06 5.75
N GLU A 352 1.37 0.74 6.23
CA GLU A 352 1.03 0.93 7.64
C GLU A 352 0.91 2.40 7.99
N THR A 353 0.48 3.20 7.02
CA THR A 353 0.18 4.61 7.26
C THR A 353 -1.09 5.00 6.50
N ILE A 354 -1.20 6.28 6.17
CA ILE A 354 -2.37 6.80 5.49
C ILE A 354 -2.01 7.21 4.06
N HIS A 355 -2.96 7.15 3.14
CA HIS A 355 -2.66 7.53 1.75
C HIS A 355 -2.17 8.97 1.62
N TYR A 356 -2.50 9.82 2.60
CA TYR A 356 -2.02 11.20 2.57
C TYR A 356 -0.51 11.22 2.32
N GLU A 357 0.19 10.30 2.97
CA GLU A 357 1.64 10.18 2.89
C GLU A 357 2.18 9.46 1.66
N VAL A 358 1.43 8.52 1.13
CA VAL A 358 1.92 7.81 -0.03
C VAL A 358 1.97 8.81 -1.17
N ALA A 359 0.90 9.61 -1.27
CA ALA A 359 0.76 10.62 -2.29
C ALA A 359 1.85 11.69 -2.23
N CYS A 360 2.15 12.18 -1.04
CA CYS A 360 3.17 13.22 -0.92
C CYS A 360 4.59 12.65 -1.00
N THR A 361 4.71 11.33 -0.94
CA THR A 361 6.03 10.74 -0.98
C THR A 361 6.50 10.50 -2.40
N PHE A 362 5.57 10.28 -3.33
CA PHE A 362 5.95 10.10 -4.73
C PHE A 362 6.88 11.25 -5.11
N SER A 363 8.10 10.89 -5.55
CA SER A 363 9.13 11.85 -5.91
C SER A 363 8.87 12.77 -7.10
N GLN A 364 9.64 13.84 -7.18
CA GLN A 364 9.54 14.81 -8.26
C GLN A 364 9.94 14.16 -9.57
N ARG A 365 10.94 13.27 -9.49
CA ARG A 365 11.46 12.58 -10.66
C ARG A 365 10.41 11.82 -11.46
N ILE A 366 9.26 11.54 -10.86
CA ILE A 366 8.24 10.83 -11.61
C ILE A 366 7.38 11.83 -12.37
N PRO A 367 7.43 11.76 -13.71
CA PRO A 367 6.64 12.66 -14.54
C PRO A 367 5.15 12.51 -14.29
N ARG A 368 4.44 13.62 -14.25
CA ARG A 368 3.01 13.56 -14.01
C ARG A 368 2.28 13.95 -15.28
N GLU A 369 1.51 13.02 -15.83
CA GLU A 369 0.76 13.23 -17.06
C GLU A 369 -0.68 13.68 -16.74
N TYR A 370 -1.16 14.71 -17.44
CA TYR A 370 -2.50 15.24 -17.23
C TYR A 370 -3.36 15.16 -18.48
N ASN A 371 -4.66 15.42 -18.34
CA ASN A 371 -5.55 15.40 -19.50
C ASN A 371 -6.26 16.76 -19.66
N VAL B 2 -33.62 -25.41 21.49
CA VAL B 2 -32.22 -25.23 21.05
C VAL B 2 -32.06 -24.09 20.04
N VAL B 3 -33.16 -23.66 19.44
CA VAL B 3 -33.11 -22.53 18.50
C VAL B 3 -33.81 -21.31 19.14
N GLY B 4 -33.05 -20.24 19.36
CA GLY B 4 -33.59 -19.05 20.00
C GLY B 4 -34.57 -18.18 19.25
N TRP B 5 -35.75 -18.70 18.98
CA TRP B 5 -36.78 -17.96 18.28
C TRP B 5 -37.33 -16.79 19.07
N HIS B 6 -37.34 -16.89 20.40
CA HIS B 6 -37.88 -15.80 21.21
C HIS B 6 -36.89 -14.70 21.58
N ARG B 7 -35.76 -14.66 20.88
CA ARG B 7 -34.76 -13.63 21.10
C ARG B 7 -34.60 -12.88 19.77
N PRO B 8 -34.43 -11.54 19.82
CA PRO B 8 -34.29 -10.77 18.59
C PRO B 8 -33.07 -10.97 17.68
N THR B 9 -32.11 -11.80 18.04
CA THR B 9 -30.96 -12.00 17.15
C THR B 9 -31.38 -12.91 15.98
N ARG B 10 -31.01 -12.53 14.76
CA ARG B 10 -31.43 -13.31 13.59
C ARG B 10 -30.50 -13.32 12.36
N LEU B 11 -30.55 -14.39 11.57
CA LEU B 11 -29.75 -14.50 10.34
C LEU B 11 -30.74 -14.56 9.18
N HIS B 12 -30.55 -13.67 8.20
CA HIS B 12 -31.43 -13.63 7.03
C HIS B 12 -30.66 -14.14 5.85
N ILE B 13 -31.12 -15.25 5.28
CA ILE B 13 -30.47 -15.83 4.13
C ILE B 13 -31.22 -15.49 2.86
N ASP B 14 -30.60 -14.64 2.04
CA ASP B 14 -31.19 -14.23 0.77
C ASP B 14 -31.05 -15.38 -0.19
N THR B 15 -32.05 -16.25 -0.25
CA THR B 15 -31.96 -17.40 -1.15
C THR B 15 -31.95 -16.96 -2.60
N GLN B 16 -32.59 -15.83 -2.88
CA GLN B 16 -32.63 -15.34 -4.25
C GLN B 16 -31.24 -15.04 -4.77
N ALA B 17 -30.38 -14.57 -3.87
CA ALA B 17 -29.02 -14.22 -4.25
C ALA B 17 -28.21 -15.48 -4.61
N ILE B 18 -28.45 -16.57 -3.90
CA ILE B 18 -27.75 -17.81 -4.15
C ILE B 18 -28.12 -18.26 -5.57
N THR B 19 -29.41 -18.27 -5.85
CA THR B 19 -29.91 -18.65 -7.16
C THR B 19 -29.19 -17.83 -8.24
N GLU B 20 -29.02 -16.54 -7.97
CA GLU B 20 -28.37 -15.65 -8.91
C GLU B 20 -26.88 -15.90 -9.07
N ASN B 21 -26.19 -16.17 -7.97
CA ASN B 21 -24.75 -16.42 -8.05
C ASN B 21 -24.55 -17.73 -8.82
N VAL B 22 -25.44 -18.69 -8.59
CA VAL B 22 -25.39 -19.97 -9.25
C VAL B 22 -25.73 -19.77 -10.72
N GLN B 23 -26.82 -19.05 -10.95
CA GLN B 23 -27.30 -18.73 -12.28
C GLN B 23 -26.22 -18.05 -13.11
N LYS B 24 -25.50 -17.11 -12.50
CA LYS B 24 -24.47 -16.40 -13.23
C LYS B 24 -23.26 -17.28 -13.55
N GLU B 25 -22.93 -18.22 -12.68
CA GLU B 25 -21.81 -19.11 -12.97
C GLU B 25 -22.17 -20.01 -14.15
N CYS B 26 -23.35 -20.60 -14.10
CA CYS B 26 -23.80 -21.49 -15.16
C CYS B 26 -23.73 -20.84 -16.54
N GLN B 27 -23.67 -19.52 -16.59
CA GLN B 27 -23.62 -18.83 -17.87
C GLN B 27 -22.21 -18.63 -18.42
N ARG B 28 -21.21 -18.75 -17.55
CA ARG B 28 -19.82 -18.59 -17.97
C ARG B 28 -19.20 -19.95 -18.25
N LEU B 29 -20.03 -20.99 -18.12
CA LEU B 29 -19.59 -22.39 -18.09
C LEU B 29 -19.35 -23.10 -19.44
N PRO B 30 -20.42 -23.33 -20.22
CA PRO B 30 -21.53 -24.21 -19.87
C PRO B 30 -21.52 -25.26 -20.98
N GLU B 31 -20.48 -25.20 -21.81
CA GLU B 31 -20.39 -26.03 -23.00
C GLU B 31 -20.18 -27.50 -22.65
N GLY B 32 -21.24 -28.12 -22.14
CA GLY B 32 -21.22 -29.53 -21.82
C GLY B 32 -20.72 -29.84 -20.43
N THR B 33 -20.49 -28.79 -19.63
CA THR B 33 -20.01 -28.93 -18.25
C THR B 33 -21.12 -28.50 -17.30
N ALA B 34 -21.44 -29.36 -16.33
CA ALA B 34 -22.51 -29.08 -15.39
C ALA B 34 -22.01 -28.54 -14.06
N LEU B 35 -22.90 -27.85 -13.35
CA LEU B 35 -22.59 -27.28 -12.06
C LEU B 35 -23.28 -28.02 -10.92
N PHE B 36 -22.48 -28.50 -9.99
CA PHE B 36 -22.96 -29.20 -8.82
C PHE B 36 -22.85 -28.16 -7.71
N ALA B 37 -23.69 -28.24 -6.69
CA ALA B 37 -23.64 -27.27 -5.61
C ALA B 37 -23.23 -27.92 -4.29
N VAL B 38 -22.03 -27.61 -3.81
CA VAL B 38 -21.59 -28.22 -2.56
C VAL B 38 -22.24 -27.48 -1.41
N VAL B 39 -22.96 -28.23 -0.58
CA VAL B 39 -23.68 -27.67 0.55
C VAL B 39 -23.37 -28.32 1.88
N LYS B 40 -22.11 -28.70 2.06
CA LYS B 40 -21.68 -29.30 3.32
C LYS B 40 -21.91 -28.25 4.40
N ALA B 41 -21.68 -28.64 5.65
CA ALA B 41 -21.81 -27.73 6.80
C ALA B 41 -23.05 -26.83 6.77
N ASN B 42 -24.23 -27.47 6.82
CA ASN B 42 -25.46 -26.72 6.83
C ASN B 42 -25.43 -25.62 5.79
N GLY B 43 -24.96 -25.95 4.59
CA GLY B 43 -24.90 -24.96 3.52
C GLY B 43 -24.00 -23.78 3.85
N TYR B 44 -22.85 -24.09 4.43
CA TYR B 44 -21.89 -23.06 4.81
C TYR B 44 -22.49 -22.09 5.82
N GLY B 45 -23.39 -22.61 6.66
CA GLY B 45 -24.03 -21.79 7.66
C GLY B 45 -25.31 -21.11 7.20
N HIS B 46 -25.65 -21.24 5.92
CA HIS B 46 -26.84 -20.61 5.38
C HIS B 46 -28.08 -21.48 5.43
N GLY B 47 -27.90 -22.80 5.44
CA GLY B 47 -29.05 -23.70 5.45
C GLY B 47 -28.97 -24.68 4.30
N ALA B 48 -28.50 -25.89 4.62
CA ALA B 48 -28.32 -26.97 3.66
C ALA B 48 -29.47 -27.16 2.67
N VAL B 49 -30.60 -27.63 3.16
CA VAL B 49 -31.74 -27.84 2.29
C VAL B 49 -32.01 -26.57 1.49
N GLU B 50 -32.09 -25.45 2.20
CA GLU B 50 -32.35 -24.13 1.62
C GLU B 50 -31.43 -23.75 0.46
N SER B 51 -30.13 -23.90 0.66
CA SER B 51 -29.18 -23.57 -0.39
C SER B 51 -29.40 -24.52 -1.55
N ALA B 52 -29.55 -25.81 -1.25
CA ALA B 52 -29.75 -26.81 -2.27
C ALA B 52 -30.85 -26.40 -3.25
N LYS B 53 -32.02 -26.08 -2.72
CA LYS B 53 -33.12 -25.67 -3.59
C LYS B 53 -32.75 -24.50 -4.50
N ALA B 54 -32.30 -23.42 -3.89
CA ALA B 54 -31.91 -22.22 -4.62
C ALA B 54 -30.89 -22.52 -5.71
N ALA B 55 -29.87 -23.28 -5.36
CA ALA B 55 -28.80 -23.64 -6.29
C ALA B 55 -29.38 -24.38 -7.48
N LYS B 56 -30.30 -25.30 -7.21
CA LYS B 56 -30.95 -26.03 -8.26
C LYS B 56 -31.61 -24.99 -9.19
N LYS B 57 -32.46 -24.15 -8.59
CA LYS B 57 -33.16 -23.09 -9.32
C LYS B 57 -32.24 -22.34 -10.29
N GLY B 58 -30.95 -22.30 -9.96
CA GLY B 58 -29.98 -21.61 -10.78
C GLY B 58 -29.33 -22.44 -11.86
N GLY B 59 -29.36 -23.77 -11.69
CA GLY B 59 -28.76 -24.62 -12.70
C GLY B 59 -28.00 -25.80 -12.14
N ALA B 60 -27.95 -25.90 -10.82
CA ALA B 60 -27.27 -27.00 -10.16
C ALA B 60 -27.99 -28.27 -10.57
N THR B 61 -27.24 -29.23 -11.10
CA THR B 61 -27.85 -30.49 -11.54
C THR B 61 -27.39 -31.59 -10.60
N GLY B 62 -26.46 -31.25 -9.71
CA GLY B 62 -25.94 -32.20 -8.75
C GLY B 62 -25.70 -31.55 -7.39
N PHE B 63 -25.38 -32.36 -6.39
CA PHE B 63 -25.13 -31.85 -5.05
C PHE B 63 -23.99 -32.53 -4.31
N CYS B 64 -23.15 -31.73 -3.67
CA CYS B 64 -22.02 -32.27 -2.92
C CYS B 64 -22.22 -32.10 -1.44
N VAL B 65 -21.70 -33.03 -0.67
CA VAL B 65 -21.87 -32.98 0.76
C VAL B 65 -20.68 -33.68 1.41
N ALA B 66 -20.42 -33.37 2.68
CA ALA B 66 -19.28 -33.97 3.37
C ALA B 66 -19.59 -35.22 4.17
N LEU B 67 -20.76 -35.24 4.80
CA LEU B 67 -21.15 -36.37 5.62
C LEU B 67 -22.34 -37.10 5.01
N LEU B 68 -22.50 -38.37 5.36
CA LEU B 68 -23.61 -39.17 4.87
C LEU B 68 -24.92 -38.69 5.50
N ASP B 69 -24.85 -38.32 6.76
CA ASP B 69 -26.02 -37.84 7.49
C ASP B 69 -26.60 -36.69 6.70
N GLU B 70 -25.72 -35.81 6.25
CA GLU B 70 -26.08 -34.65 5.45
C GLU B 70 -26.79 -35.13 4.17
N ALA B 71 -26.15 -36.06 3.45
CA ALA B 71 -26.72 -36.58 2.22
C ALA B 71 -28.15 -37.06 2.40
N ILE B 72 -28.43 -37.81 3.47
CA ILE B 72 -29.80 -38.27 3.62
C ILE B 72 -30.72 -37.11 3.95
N GLU B 73 -30.20 -36.08 4.63
CA GLU B 73 -31.04 -34.95 4.95
C GLU B 73 -31.61 -34.38 3.64
N LEU B 74 -30.82 -34.42 2.56
CA LEU B 74 -31.28 -33.91 1.26
C LEU B 74 -32.29 -34.87 0.65
N ARG B 75 -32.09 -36.16 0.86
CA ARG B 75 -33.01 -37.15 0.32
C ARG B 75 -34.34 -37.01 1.04
N GLU B 76 -34.29 -36.91 2.36
CA GLU B 76 -35.50 -36.76 3.14
C GLU B 76 -36.15 -35.47 2.69
N ALA B 77 -35.33 -34.49 2.34
CA ALA B 77 -35.82 -33.20 1.90
C ALA B 77 -36.45 -33.31 0.51
N GLY B 78 -36.28 -34.47 -0.11
CA GLY B 78 -36.85 -34.70 -1.42
C GLY B 78 -35.89 -34.45 -2.57
N VAL B 79 -34.64 -34.12 -2.27
CA VAL B 79 -33.66 -33.87 -3.35
C VAL B 79 -33.43 -35.16 -4.12
N GLN B 80 -33.66 -35.11 -5.42
CA GLN B 80 -33.49 -36.29 -6.23
C GLN B 80 -32.25 -36.32 -7.11
N ASP B 81 -31.62 -35.18 -7.29
CA ASP B 81 -30.41 -35.10 -8.12
C ASP B 81 -29.31 -35.96 -7.49
N PRO B 82 -28.24 -36.19 -8.24
CA PRO B 82 -27.17 -37.01 -7.66
C PRO B 82 -26.56 -36.26 -6.48
N ILE B 83 -26.24 -36.99 -5.41
CA ILE B 83 -25.62 -36.40 -4.24
C ILE B 83 -24.27 -37.07 -4.00
N LEU B 84 -23.19 -36.32 -4.22
CA LEU B 84 -21.84 -36.86 -4.05
C LEU B 84 -21.22 -36.53 -2.69
N ILE B 85 -20.90 -37.56 -1.92
CA ILE B 85 -20.28 -37.37 -0.63
C ILE B 85 -18.78 -37.25 -0.91
N LEU B 86 -18.25 -36.04 -0.71
CA LEU B 86 -16.85 -35.73 -0.98
C LEU B 86 -15.84 -36.40 -0.07
N SER B 87 -16.33 -37.13 0.93
CA SER B 87 -15.46 -37.78 1.92
C SER B 87 -15.53 -39.29 1.88
N VAL B 88 -14.69 -39.93 2.70
CA VAL B 88 -14.66 -41.37 2.80
C VAL B 88 -15.87 -41.72 3.65
N VAL B 89 -16.41 -42.90 3.43
CA VAL B 89 -17.57 -43.38 4.17
C VAL B 89 -17.27 -44.72 4.78
N ASP B 90 -17.52 -44.85 6.08
CA ASP B 90 -17.27 -46.12 6.76
C ASP B 90 -18.00 -47.22 6.02
N LEU B 91 -17.35 -48.37 5.86
CA LEU B 91 -17.95 -49.48 5.15
C LEU B 91 -19.22 -50.00 5.82
N ALA B 92 -19.31 -49.81 7.13
CA ALA B 92 -20.46 -50.29 7.87
C ALA B 92 -21.72 -49.58 7.38
N TYR B 93 -21.54 -48.52 6.60
CA TYR B 93 -22.67 -47.75 6.12
C TYR B 93 -22.91 -47.82 4.61
N VAL B 94 -22.26 -48.79 3.97
CA VAL B 94 -22.40 -48.97 2.54
C VAL B 94 -23.83 -49.27 2.09
N PRO B 95 -24.53 -50.16 2.80
CA PRO B 95 -25.90 -50.44 2.35
C PRO B 95 -26.75 -49.16 2.35
N LEU B 96 -26.43 -48.22 3.24
CA LEU B 96 -27.16 -46.96 3.31
C LEU B 96 -26.85 -46.17 2.04
N LEU B 97 -25.64 -46.37 1.51
CA LEU B 97 -25.18 -45.72 0.27
C LEU B 97 -25.93 -46.29 -0.92
N ILE B 98 -26.75 -47.31 -0.69
CA ILE B 98 -27.55 -47.92 -1.73
C ILE B 98 -29.03 -47.64 -1.43
N GLN B 99 -29.38 -47.60 -0.14
CA GLN B 99 -30.74 -47.32 0.28
C GLN B 99 -31.10 -45.91 -0.15
N TYR B 100 -30.10 -45.04 -0.20
CA TYR B 100 -30.32 -43.66 -0.58
C TYR B 100 -29.70 -43.37 -1.92
N ASP B 101 -29.09 -44.39 -2.52
CA ASP B 101 -28.46 -44.24 -3.81
C ASP B 101 -27.68 -42.93 -3.89
N LEU B 102 -26.51 -42.93 -3.27
CA LEU B 102 -25.67 -41.74 -3.25
C LEU B 102 -24.29 -42.04 -3.83
N SER B 103 -23.68 -41.03 -4.42
CA SER B 103 -22.35 -41.21 -4.99
C SER B 103 -21.33 -41.15 -3.84
N VAL B 104 -20.34 -42.04 -3.91
CA VAL B 104 -19.32 -42.11 -2.87
C VAL B 104 -17.92 -41.95 -3.36
N THR B 105 -17.13 -41.22 -2.58
CA THR B 105 -15.73 -41.01 -2.88
C THR B 105 -15.00 -42.28 -2.46
N VAL B 106 -13.94 -42.64 -3.17
CA VAL B 106 -13.18 -43.81 -2.84
C VAL B 106 -11.72 -43.39 -2.99
N ALA B 107 -10.98 -43.44 -1.89
CA ALA B 107 -9.60 -43.01 -1.94
C ALA B 107 -8.59 -44.16 -1.82
N THR B 108 -8.98 -45.23 -1.14
CA THR B 108 -8.10 -46.40 -1.00
C THR B 108 -8.71 -47.53 -1.83
N GLN B 109 -7.89 -48.39 -2.42
CA GLN B 109 -8.47 -49.47 -3.20
C GLN B 109 -8.90 -50.58 -2.26
N GLU B 110 -8.43 -50.47 -1.02
CA GLU B 110 -8.74 -51.44 0.03
C GLU B 110 -10.19 -51.28 0.45
N TRP B 111 -10.74 -50.09 0.20
CA TRP B 111 -12.14 -49.79 0.54
C TRP B 111 -12.97 -50.51 -0.51
N LEU B 112 -12.62 -50.30 -1.78
CA LEU B 112 -13.33 -50.93 -2.90
C LEU B 112 -13.47 -52.43 -2.70
N GLU B 113 -12.33 -53.08 -2.52
CA GLU B 113 -12.30 -54.52 -2.34
C GLU B 113 -13.18 -54.98 -1.19
N ALA B 114 -13.14 -54.25 -0.08
CA ALA B 114 -13.95 -54.65 1.07
C ALA B 114 -15.43 -54.43 0.83
N ALA B 115 -15.77 -53.33 0.18
CA ALA B 115 -17.16 -53.00 -0.11
C ALA B 115 -17.83 -54.08 -0.97
N LEU B 116 -17.07 -54.62 -1.92
CA LEU B 116 -17.57 -55.65 -2.81
C LEU B 116 -18.33 -56.75 -2.07
N GLN B 117 -17.88 -57.04 -0.86
CA GLN B 117 -18.48 -58.10 -0.04
C GLN B 117 -19.98 -58.04 0.23
N GLN B 118 -20.39 -57.00 0.93
CA GLN B 118 -21.80 -56.83 1.31
C GLN B 118 -22.63 -56.10 0.26
N LEU B 119 -22.11 -56.05 -0.96
CA LEU B 119 -22.81 -55.34 -2.03
C LEU B 119 -23.24 -56.30 -3.14
N THR B 120 -24.01 -57.33 -2.77
CA THR B 120 -24.46 -58.33 -3.74
C THR B 120 -25.24 -57.68 -4.88
N PRO B 121 -24.96 -58.11 -6.10
CA PRO B 121 -25.60 -57.52 -7.29
C PRO B 121 -27.10 -57.37 -7.10
N GLU B 122 -27.81 -58.48 -7.02
CA GLU B 122 -29.27 -58.47 -7.01
C GLU B 122 -29.59 -57.58 -8.20
N SER B 123 -30.54 -56.66 -8.01
CA SER B 123 -31.28 -56.00 -9.07
C SER B 123 -30.74 -54.60 -9.33
N ASN B 124 -29.67 -54.53 -10.13
CA ASN B 124 -29.46 -53.40 -11.02
C ASN B 124 -29.41 -52.07 -10.27
N THR B 125 -28.77 -52.09 -9.11
CA THR B 125 -28.71 -50.92 -8.24
C THR B 125 -27.27 -50.61 -7.83
N PRO B 126 -26.45 -50.22 -8.80
CA PRO B 126 -25.01 -50.18 -8.61
C PRO B 126 -24.59 -49.12 -7.59
N LEU B 127 -23.33 -49.13 -7.20
CA LEU B 127 -22.81 -48.18 -6.24
C LEU B 127 -22.04 -47.12 -7.04
N ARG B 128 -22.57 -45.91 -7.07
CA ARG B 128 -21.95 -44.80 -7.79
C ARG B 128 -20.67 -44.39 -7.09
N VAL B 129 -19.54 -44.77 -7.68
CA VAL B 129 -18.25 -44.46 -7.10
C VAL B 129 -17.46 -43.43 -7.88
N HIS B 130 -17.08 -42.36 -7.18
CA HIS B 130 -16.26 -41.29 -7.74
C HIS B 130 -14.89 -41.56 -7.14
N LEU B 131 -13.90 -41.72 -8.01
CA LEU B 131 -12.54 -41.99 -7.56
C LEU B 131 -11.75 -40.70 -7.43
N LYS B 132 -11.08 -40.52 -6.29
CA LYS B 132 -10.28 -39.31 -6.09
C LYS B 132 -8.79 -39.59 -6.11
N VAL B 133 -8.09 -38.84 -6.94
CA VAL B 133 -6.65 -38.95 -7.03
C VAL B 133 -6.08 -37.72 -6.33
N ASP B 134 -5.36 -37.92 -5.25
CA ASP B 134 -4.77 -36.81 -4.55
C ASP B 134 -3.77 -36.29 -5.54
N THR B 135 -3.83 -34.98 -5.80
CA THR B 135 -2.93 -34.40 -6.77
C THR B 135 -2.03 -33.32 -6.19
N GLY B 136 -2.01 -33.20 -4.86
CA GLY B 136 -1.16 -32.19 -4.24
C GLY B 136 -1.79 -31.45 -3.08
N MET B 137 -2.99 -31.88 -2.68
CA MET B 137 -3.72 -31.27 -1.57
C MET B 137 -3.32 -32.03 -0.30
N GLY B 138 -2.86 -33.26 -0.50
CA GLY B 138 -2.41 -34.08 0.62
C GLY B 138 -3.47 -34.52 1.61
N ARG B 139 -4.72 -34.53 1.17
CA ARG B 139 -5.80 -34.94 2.04
C ARG B 139 -6.11 -36.44 1.84
N ILE B 140 -6.80 -36.79 0.76
CA ILE B 140 -7.12 -38.19 0.50
C ILE B 140 -7.03 -38.53 -0.97
N GLY B 141 -7.06 -39.82 -1.29
CA GLY B 141 -7.01 -40.25 -2.68
C GLY B 141 -5.74 -40.88 -3.19
N PHE B 142 -5.84 -41.56 -4.34
CA PHE B 142 -4.70 -42.23 -4.96
C PHE B 142 -3.60 -41.27 -5.37
N LEU B 143 -2.35 -41.68 -5.12
CA LEU B 143 -1.17 -40.87 -5.42
C LEU B 143 -0.54 -41.01 -6.81
N THR B 144 -0.71 -42.16 -7.44
CA THR B 144 -0.09 -42.38 -8.75
C THR B 144 -1.02 -42.82 -9.86
N PRO B 145 -0.65 -42.52 -11.11
CA PRO B 145 -1.48 -42.92 -12.24
C PRO B 145 -1.68 -44.43 -12.15
N GLU B 146 -0.58 -45.17 -12.18
CA GLU B 146 -0.66 -46.62 -12.11
C GLU B 146 -1.63 -47.09 -11.02
N GLU B 147 -1.54 -46.49 -9.83
CA GLU B 147 -2.42 -46.87 -8.72
C GLU B 147 -3.89 -46.57 -8.99
N THR B 148 -4.16 -45.50 -9.72
CA THR B 148 -5.54 -45.17 -10.02
C THR B 148 -6.01 -46.07 -11.14
N LYS B 149 -5.09 -46.55 -11.96
CA LYS B 149 -5.46 -47.45 -13.04
C LYS B 149 -5.89 -48.79 -12.45
N GLN B 150 -5.22 -49.22 -11.38
CA GLN B 150 -5.61 -50.49 -10.74
C GLN B 150 -7.01 -50.24 -10.18
N ALA B 151 -7.28 -48.99 -9.84
CA ALA B 151 -8.55 -48.61 -9.28
C ALA B 151 -9.74 -48.72 -10.23
N VAL B 152 -9.65 -48.10 -11.39
CA VAL B 152 -10.79 -48.16 -12.31
C VAL B 152 -11.03 -49.60 -12.74
N ARG B 153 -9.95 -50.31 -13.07
CA ARG B 153 -10.07 -51.70 -13.51
C ARG B 153 -10.91 -52.52 -12.55
N PHE B 154 -10.63 -52.39 -11.25
CA PHE B 154 -11.40 -53.13 -10.26
C PHE B 154 -12.86 -52.73 -10.35
N VAL B 155 -13.10 -51.42 -10.47
CA VAL B 155 -14.44 -50.90 -10.54
C VAL B 155 -15.15 -51.35 -11.83
N GLN B 156 -14.47 -51.25 -12.97
CA GLN B 156 -15.08 -51.65 -14.24
C GLN B 156 -15.27 -53.17 -14.34
N SER B 157 -14.69 -53.90 -13.40
CA SER B 157 -14.79 -55.37 -13.41
C SER B 157 -15.89 -55.88 -12.52
N HIS B 158 -16.59 -54.99 -11.83
CA HIS B 158 -17.63 -55.45 -10.93
C HIS B 158 -18.95 -54.71 -11.15
N LYS B 159 -19.92 -55.41 -11.72
CA LYS B 159 -21.22 -54.85 -11.97
C LYS B 159 -21.85 -54.27 -10.71
N GLU B 160 -21.39 -54.72 -9.54
CA GLU B 160 -21.91 -54.23 -8.28
C GLU B 160 -21.63 -52.71 -8.13
N PHE B 161 -20.61 -52.22 -8.83
CA PHE B 161 -20.22 -50.81 -8.80
C PHE B 161 -20.66 -50.12 -10.09
N LEU B 162 -20.44 -48.80 -10.15
CA LEU B 162 -20.76 -47.99 -11.32
C LEU B 162 -19.81 -46.80 -11.33
N TRP B 163 -18.80 -46.86 -12.18
CA TRP B 163 -17.80 -45.79 -12.27
C TRP B 163 -18.40 -44.48 -12.78
N GLU B 164 -18.96 -43.71 -11.85
CA GLU B 164 -19.60 -42.43 -12.15
C GLU B 164 -18.63 -41.27 -12.33
N GLY B 165 -17.51 -41.28 -11.61
CA GLY B 165 -16.60 -40.17 -11.76
C GLY B 165 -15.19 -40.31 -11.23
N ILE B 166 -14.34 -39.38 -11.65
CA ILE B 166 -12.96 -39.33 -11.24
C ILE B 166 -12.61 -37.85 -11.08
N PHE B 167 -12.05 -37.49 -9.91
CA PHE B 167 -11.72 -36.08 -9.66
C PHE B 167 -10.46 -35.83 -8.84
N THR B 168 -10.31 -34.58 -8.43
CA THR B 168 -9.17 -34.16 -7.61
C THR B 168 -9.48 -32.76 -7.03
N HIS B 169 -8.65 -32.27 -6.12
CA HIS B 169 -8.88 -30.97 -5.51
C HIS B 169 -7.64 -30.09 -5.59
N PHE B 170 -7.83 -28.81 -5.85
CA PHE B 170 -6.71 -27.89 -5.94
C PHE B 170 -6.58 -27.15 -4.62
N SER B 171 -5.36 -27.05 -4.10
CA SER B 171 -5.16 -26.37 -2.83
C SER B 171 -4.79 -24.91 -2.99
N THR B 172 -4.50 -24.48 -4.20
CA THR B 172 -4.11 -23.08 -4.41
C THR B 172 -4.80 -22.40 -5.59
N ALA B 173 -5.98 -22.89 -5.97
CA ALA B 173 -6.69 -22.29 -7.10
C ALA B 173 -7.02 -20.85 -6.80
N ASP B 174 -7.08 -20.51 -5.50
CA ASP B 174 -7.43 -19.15 -5.09
C ASP B 174 -6.24 -18.28 -4.74
N GLU B 175 -5.04 -18.70 -5.09
CA GLU B 175 -3.87 -17.89 -4.76
C GLU B 175 -3.30 -17.17 -5.96
N ILE B 176 -2.59 -16.08 -5.70
CA ILE B 176 -2.02 -15.30 -6.76
C ILE B 176 -1.00 -16.13 -7.57
N ASP B 177 -0.04 -16.76 -6.88
CA ASP B 177 0.95 -17.62 -7.53
C ASP B 177 0.25 -18.88 -8.02
N THR B 178 0.44 -19.22 -9.28
CA THR B 178 -0.20 -20.37 -9.89
C THR B 178 0.73 -21.57 -10.05
N SER B 179 1.97 -21.39 -9.63
CA SER B 179 2.98 -22.43 -9.73
C SER B 179 2.40 -23.79 -9.34
N TYR B 180 1.95 -23.90 -8.09
CA TYR B 180 1.40 -25.14 -7.56
C TYR B 180 0.16 -25.63 -8.32
N PHE B 181 -0.76 -24.73 -8.63
CA PHE B 181 -1.98 -25.12 -9.34
C PHE B 181 -1.66 -25.96 -10.59
N GLU B 182 -0.88 -25.37 -11.48
CA GLU B 182 -0.47 -26.01 -12.71
C GLU B 182 0.13 -27.38 -12.42
N LYS B 183 0.98 -27.44 -11.40
CA LYS B 183 1.62 -28.71 -11.04
C LYS B 183 0.61 -29.80 -10.75
N GLN B 184 -0.50 -29.42 -10.11
CA GLN B 184 -1.53 -30.39 -9.79
C GLN B 184 -2.26 -30.77 -11.06
N ALA B 185 -2.55 -29.77 -11.91
CA ALA B 185 -3.25 -30.05 -13.17
C ALA B 185 -2.47 -31.13 -13.92
N GLY B 186 -1.14 -30.99 -13.90
CA GLY B 186 -0.28 -31.95 -14.56
C GLY B 186 -0.32 -33.34 -13.96
N ARG B 187 -0.53 -33.42 -12.65
CA ARG B 187 -0.62 -34.71 -11.97
C ARG B 187 -1.95 -35.39 -12.23
N PHE B 188 -2.99 -34.59 -12.44
CA PHE B 188 -4.29 -35.11 -12.87
C PHE B 188 -4.26 -35.48 -14.35
N LYS B 189 -3.77 -34.57 -15.17
CA LYS B 189 -3.61 -34.84 -16.60
C LYS B 189 -2.74 -36.07 -16.83
N ALA B 190 -1.64 -36.16 -16.10
CA ALA B 190 -0.72 -37.28 -16.25
C ALA B 190 -1.40 -38.61 -15.94
N VAL B 191 -2.44 -38.55 -15.12
CA VAL B 191 -3.02 -39.75 -14.52
C VAL B 191 -4.19 -40.28 -15.35
N LEU B 192 -4.93 -39.37 -15.97
CA LEU B 192 -5.99 -39.74 -16.89
C LEU B 192 -5.38 -40.28 -18.20
N ALA B 193 -4.23 -39.72 -18.57
CA ALA B 193 -3.54 -40.11 -19.78
C ALA B 193 -3.25 -41.62 -19.79
N VAL B 194 -3.46 -42.30 -18.66
CA VAL B 194 -3.19 -43.74 -18.57
C VAL B 194 -4.46 -44.59 -18.59
N LEU B 195 -5.62 -43.96 -18.67
CA LEU B 195 -6.85 -44.72 -18.73
C LEU B 195 -7.36 -44.61 -20.15
N GLU B 196 -8.32 -45.46 -20.51
CA GLU B 196 -8.85 -45.39 -21.86
C GLU B 196 -10.13 -44.59 -21.92
N GLU B 197 -11.13 -45.07 -21.21
CA GLU B 197 -12.42 -44.40 -21.17
C GLU B 197 -12.53 -43.64 -19.86
N LEU B 198 -13.23 -42.52 -19.89
CA LEU B 198 -13.47 -41.73 -18.68
C LEU B 198 -14.93 -41.96 -18.32
N PRO B 199 -15.29 -41.79 -17.04
CA PRO B 199 -16.69 -41.99 -16.66
C PRO B 199 -17.57 -40.79 -17.03
N ARG B 200 -18.78 -40.77 -16.49
CA ARG B 200 -19.72 -39.70 -16.75
C ARG B 200 -19.20 -38.38 -16.20
N TYR B 201 -18.68 -38.42 -14.99
CA TYR B 201 -18.18 -37.21 -14.35
C TYR B 201 -16.69 -37.07 -14.22
N VAL B 202 -16.21 -35.90 -14.65
CA VAL B 202 -14.80 -35.56 -14.61
C VAL B 202 -14.73 -34.14 -14.03
N HIS B 203 -14.39 -34.03 -12.75
CA HIS B 203 -14.42 -32.75 -12.06
C HIS B 203 -13.12 -32.50 -11.31
N VAL B 204 -12.62 -31.26 -11.39
CA VAL B 204 -11.53 -30.82 -10.54
C VAL B 204 -11.69 -29.35 -10.15
N SER B 205 -12.90 -28.82 -10.34
CA SER B 205 -13.14 -27.39 -10.24
C SER B 205 -13.88 -27.05 -8.96
N ASN B 206 -13.42 -26.01 -8.27
CA ASN B 206 -14.05 -25.56 -7.04
C ASN B 206 -14.29 -24.11 -7.37
N SER B 207 -14.74 -23.31 -6.41
CA SER B 207 -15.03 -21.90 -6.67
C SER B 207 -13.86 -21.14 -7.25
N ALA B 208 -12.73 -21.15 -6.56
CA ALA B 208 -11.57 -20.45 -7.04
C ALA B 208 -11.22 -20.84 -8.47
N THR B 209 -10.94 -22.12 -8.71
CA THR B 209 -10.57 -22.59 -10.05
C THR B 209 -11.62 -22.24 -11.11
N ALA B 210 -12.90 -22.38 -10.80
CA ALA B 210 -13.93 -22.02 -11.76
C ALA B 210 -13.86 -20.50 -12.06
N LEU B 211 -13.52 -19.72 -11.04
CA LEU B 211 -13.42 -18.27 -11.19
C LEU B 211 -12.14 -17.77 -11.85
N TRP B 212 -11.02 -18.41 -11.53
CA TRP B 212 -9.74 -17.95 -12.07
C TRP B 212 -8.91 -18.96 -12.86
N HIS B 213 -9.53 -20.08 -13.22
CA HIS B 213 -8.88 -21.14 -14.00
C HIS B 213 -9.97 -21.87 -14.78
N PRO B 214 -10.82 -21.13 -15.49
CA PRO B 214 -11.90 -21.76 -16.25
C PRO B 214 -11.41 -22.65 -17.40
N ASP B 215 -10.10 -22.62 -17.67
CA ASP B 215 -9.51 -23.40 -18.75
C ASP B 215 -9.25 -24.88 -18.41
N VAL B 216 -9.05 -25.18 -17.13
CA VAL B 216 -8.81 -26.56 -16.69
C VAL B 216 -9.80 -27.57 -17.27
N PRO B 217 -9.30 -28.75 -17.68
CA PRO B 217 -10.13 -29.80 -18.27
C PRO B 217 -11.11 -30.34 -17.23
N GLY B 218 -12.25 -30.85 -17.68
CA GLY B 218 -13.25 -31.39 -16.76
C GLY B 218 -14.67 -31.05 -17.20
N ASN B 219 -15.58 -32.01 -17.13
CA ASN B 219 -16.93 -31.76 -17.58
C ASN B 219 -17.86 -31.41 -16.44
N MET B 220 -17.31 -31.06 -15.29
CA MET B 220 -18.13 -30.69 -14.14
C MET B 220 -17.38 -29.90 -13.07
N ILE B 221 -18.03 -28.87 -12.54
CA ILE B 221 -17.47 -28.02 -11.50
C ILE B 221 -18.29 -28.11 -10.21
N ARG B 222 -17.59 -28.09 -9.07
CA ARG B 222 -18.24 -28.18 -7.76
C ARG B 222 -18.29 -26.80 -7.08
N TYR B 223 -19.30 -26.00 -7.43
CA TYR B 223 -19.47 -24.67 -6.85
C TYR B 223 -19.85 -24.71 -5.36
N GLY B 224 -19.08 -24.00 -4.55
CA GLY B 224 -19.35 -23.96 -3.12
C GLY B 224 -19.45 -22.55 -2.56
N VAL B 225 -18.45 -22.17 -1.78
CA VAL B 225 -18.42 -20.86 -1.16
C VAL B 225 -19.01 -19.72 -2.00
N ALA B 226 -18.53 -19.57 -3.23
CA ALA B 226 -18.98 -18.50 -4.13
C ALA B 226 -20.48 -18.40 -4.34
N MET B 227 -21.22 -19.49 -4.21
CA MET B 227 -22.66 -19.39 -4.42
C MET B 227 -23.37 -18.72 -3.24
N TYR B 228 -22.59 -18.32 -2.24
CA TYR B 228 -23.13 -17.63 -1.07
C TYR B 228 -22.74 -16.17 -1.19
N GLY B 229 -22.18 -15.83 -2.36
CA GLY B 229 -21.79 -14.46 -2.63
C GLY B 229 -20.44 -14.08 -2.06
N LEU B 230 -19.73 -15.07 -1.53
CA LEU B 230 -18.42 -14.83 -0.94
C LEU B 230 -17.32 -15.02 -1.99
N ASN B 231 -16.23 -14.27 -1.85
CA ASN B 231 -15.08 -14.32 -2.73
C ASN B 231 -14.07 -15.32 -2.16
N PRO B 232 -13.79 -16.40 -2.91
CA PRO B 232 -12.85 -17.42 -2.45
C PRO B 232 -11.52 -16.88 -1.94
N SER B 233 -10.89 -16.01 -2.71
CA SER B 233 -9.60 -15.42 -2.32
C SER B 233 -9.73 -14.54 -1.09
N GLY B 234 -10.97 -14.21 -0.73
CA GLY B 234 -11.20 -13.34 0.39
C GLY B 234 -10.99 -11.92 -0.08
N ASN B 235 -9.74 -11.60 -0.41
CA ASN B 235 -9.37 -10.28 -0.87
C ASN B 235 -8.14 -10.31 -1.80
N LYS B 236 -7.64 -11.52 -2.08
CA LYS B 236 -6.46 -11.69 -2.94
C LYS B 236 -6.73 -11.36 -4.40
N LEU B 237 -7.86 -11.81 -4.94
CA LEU B 237 -8.19 -11.57 -6.33
C LEU B 237 -9.64 -11.18 -6.57
N ALA B 238 -9.86 -10.36 -7.60
CA ALA B 238 -11.20 -9.91 -7.97
C ALA B 238 -11.95 -11.02 -8.71
N PRO B 239 -13.21 -11.27 -8.33
CA PRO B 239 -14.02 -12.32 -8.98
C PRO B 239 -14.31 -12.01 -10.46
N SER B 240 -14.61 -13.05 -11.23
CA SER B 240 -14.91 -12.94 -12.67
C SER B 240 -16.21 -12.23 -12.97
N TYR B 241 -17.14 -12.32 -12.01
CA TYR B 241 -18.43 -11.67 -12.13
C TYR B 241 -18.83 -11.23 -10.74
N ALA B 242 -19.92 -10.48 -10.65
CA ALA B 242 -20.38 -9.94 -9.38
C ALA B 242 -21.14 -10.89 -8.46
N LEU B 243 -20.44 -11.37 -7.43
CA LEU B 243 -21.00 -12.28 -6.42
C LEU B 243 -21.95 -11.44 -5.55
N LYS B 244 -23.10 -11.99 -5.21
CA LYS B 244 -24.03 -11.27 -4.37
C LYS B 244 -24.13 -12.00 -3.02
N PRO B 245 -23.60 -11.39 -1.93
CA PRO B 245 -23.67 -12.04 -0.62
C PRO B 245 -25.09 -12.36 -0.17
N ALA B 246 -25.30 -13.56 0.37
CA ALA B 246 -26.62 -13.99 0.80
C ALA B 246 -26.83 -14.12 2.30
N LEU B 247 -25.96 -13.53 3.10
CA LEU B 247 -26.11 -13.62 4.55
C LEU B 247 -25.89 -12.29 5.24
N ARG B 248 -26.80 -11.99 6.16
CA ARG B 248 -26.77 -10.77 6.96
C ARG B 248 -27.05 -11.20 8.39
N LEU B 249 -26.26 -10.75 9.35
CA LEU B 249 -26.54 -11.13 10.74
C LEU B 249 -27.14 -9.91 11.45
N THR B 250 -28.25 -10.15 12.15
CA THR B 250 -28.98 -9.10 12.84
C THR B 250 -29.41 -9.36 14.30
N SER B 251 -29.45 -8.28 15.09
CA SER B 251 -29.85 -8.34 16.49
C SER B 251 -30.36 -6.97 16.91
N GLU B 252 -30.56 -6.75 18.21
CA GLU B 252 -31.02 -5.44 18.68
C GLU B 252 -30.75 -5.10 20.15
N LEU B 253 -30.62 -3.81 20.42
CA LEU B 253 -30.37 -3.27 21.76
C LEU B 253 -31.46 -3.70 22.73
N ILE B 254 -31.11 -4.50 23.73
CA ILE B 254 -32.10 -4.93 24.70
C ILE B 254 -31.91 -4.16 26.01
N HIS B 255 -30.99 -3.22 25.99
CA HIS B 255 -30.70 -2.40 27.16
C HIS B 255 -29.83 -1.21 26.79
N VAL B 256 -30.15 -0.05 27.34
CA VAL B 256 -29.37 1.18 27.08
C VAL B 256 -29.21 1.95 28.39
N LYS B 257 -28.03 2.54 28.57
CA LYS B 257 -27.72 3.29 29.78
C LYS B 257 -26.58 4.27 29.54
N ARG B 258 -26.17 4.96 30.60
CA ARG B 258 -25.05 5.89 30.52
C ARG B 258 -24.19 5.73 31.75
N LEU B 259 -22.88 5.56 31.55
CA LEU B 259 -21.96 5.43 32.66
C LEU B 259 -21.07 6.65 32.67
N ALA B 260 -20.63 7.08 33.84
CA ALA B 260 -19.75 8.24 33.91
C ALA B 260 -18.33 7.77 33.62
N ALA B 261 -17.35 8.63 33.87
CA ALA B 261 -15.97 8.29 33.63
C ALA B 261 -15.50 7.25 34.64
N GLY B 262 -14.36 6.63 34.32
CA GLY B 262 -13.78 5.63 35.20
C GLY B 262 -14.71 4.51 35.60
N GLU B 263 -15.55 4.07 34.67
CA GLU B 263 -16.48 2.99 34.94
C GLU B 263 -16.05 1.78 34.11
N GLY B 264 -16.01 0.61 34.74
CA GLY B 264 -15.60 -0.57 34.02
C GLY B 264 -16.75 -1.29 33.34
N ILE B 265 -16.44 -2.05 32.31
CA ILE B 265 -17.45 -2.83 31.60
C ILE B 265 -16.87 -4.12 31.00
N GLY B 266 -17.59 -5.23 31.17
CA GLY B 266 -17.13 -6.50 30.64
C GLY B 266 -16.21 -7.30 31.56
N TYR B 267 -16.19 -8.62 31.37
CA TYR B 267 -15.34 -9.49 32.17
C TYR B 267 -13.90 -9.04 32.19
N GLY B 268 -13.30 -9.05 33.39
CA GLY B 268 -11.91 -8.65 33.52
C GLY B 268 -11.67 -7.17 33.57
N GLU B 269 -12.69 -6.37 33.26
CA GLU B 269 -12.57 -4.91 33.28
C GLU B 269 -11.55 -4.43 32.25
N THR B 270 -11.57 -4.98 31.04
CA THR B 270 -10.60 -4.59 30.00
C THR B 270 -10.90 -3.25 29.34
N TYR B 271 -12.06 -2.70 29.64
CA TYR B 271 -12.45 -1.41 29.11
C TYR B 271 -12.94 -0.55 30.29
N VAL B 272 -12.45 0.68 30.36
CA VAL B 272 -12.87 1.61 31.41
C VAL B 272 -13.17 2.94 30.75
N THR B 273 -14.43 3.36 30.85
CA THR B 273 -14.89 4.63 30.25
C THR B 273 -13.97 5.80 30.49
N GLU B 274 -13.69 6.56 29.43
CA GLU B 274 -12.83 7.73 29.47
C GLU B 274 -13.65 8.91 29.97
N ALA B 275 -14.90 8.97 29.53
CA ALA B 275 -15.82 10.04 29.89
C ALA B 275 -17.21 9.42 29.89
N GLU B 276 -18.24 10.25 29.91
CA GLU B 276 -19.60 9.70 29.88
C GLU B 276 -19.81 9.05 28.53
N GLU B 277 -20.46 7.89 28.53
CA GLU B 277 -20.70 7.17 27.31
C GLU B 277 -22.04 6.44 27.37
N TRP B 278 -22.68 6.29 26.21
CA TRP B 278 -23.94 5.59 26.15
C TRP B 278 -23.63 4.15 25.69
N ILE B 279 -23.91 3.18 26.56
CA ILE B 279 -23.62 1.80 26.23
C ILE B 279 -24.87 1.00 26.01
N GLY B 280 -24.89 0.27 24.89
CA GLY B 280 -26.02 -0.58 24.57
C GLY B 280 -25.62 -2.03 24.75
N THR B 281 -26.59 -2.90 24.99
CA THR B 281 -26.29 -4.29 25.17
C THR B 281 -27.07 -5.09 24.14
N VAL B 282 -26.34 -5.88 23.37
CA VAL B 282 -26.92 -6.71 22.32
C VAL B 282 -26.88 -8.18 22.76
N PRO B 283 -28.00 -8.90 22.57
CA PRO B 283 -28.07 -10.31 22.96
C PRO B 283 -27.47 -11.21 21.89
N ILE B 284 -26.16 -11.18 21.75
CA ILE B 284 -25.45 -12.03 20.83
C ILE B 284 -24.04 -12.15 21.38
N GLY B 285 -23.56 -13.38 21.51
CA GLY B 285 -22.23 -13.58 22.07
C GLY B 285 -21.47 -14.70 21.40
N TYR B 286 -20.34 -15.05 21.98
CA TYR B 286 -19.51 -16.10 21.41
C TYR B 286 -20.20 -17.46 21.35
N ALA B 287 -21.28 -17.63 22.09
CA ALA B 287 -21.98 -18.90 22.06
C ALA B 287 -22.82 -18.95 20.78
N ASP B 288 -22.86 -17.85 20.04
CA ASP B 288 -23.63 -17.81 18.80
C ASP B 288 -22.65 -17.79 17.64
N GLY B 289 -21.37 -17.67 17.94
CA GLY B 289 -20.38 -17.64 16.90
C GLY B 289 -19.70 -16.30 16.85
N TRP B 290 -20.32 -15.33 17.51
CA TRP B 290 -19.81 -13.98 17.57
C TRP B 290 -18.66 -13.99 18.59
N LEU B 291 -17.54 -14.59 18.15
CA LEU B 291 -16.35 -14.79 18.96
C LEU B 291 -15.69 -13.62 19.69
N ARG B 292 -15.14 -13.95 20.85
CA ARG B 292 -14.46 -13.00 21.72
C ARG B 292 -13.45 -12.09 21.05
N HIS B 293 -12.90 -12.49 19.91
CA HIS B 293 -11.91 -11.62 19.28
C HIS B 293 -12.50 -10.49 18.47
N LEU B 294 -13.82 -10.48 18.36
CA LEU B 294 -14.50 -9.43 17.63
C LEU B 294 -14.57 -8.14 18.45
N GLN B 295 -14.05 -8.19 19.66
CA GLN B 295 -14.03 -7.05 20.56
C GLN B 295 -13.14 -5.97 19.94
N GLY B 296 -13.72 -4.80 19.72
CA GLY B 296 -12.97 -3.71 19.10
C GLY B 296 -13.60 -3.40 17.76
N PHE B 297 -14.38 -4.36 17.27
CA PHE B 297 -15.08 -4.29 15.99
C PHE B 297 -16.28 -3.37 16.13
N THR B 298 -16.68 -2.73 15.04
CA THR B 298 -17.82 -1.83 15.08
C THR B 298 -19.03 -2.42 14.38
N VAL B 299 -20.21 -2.23 14.97
CA VAL B 299 -21.44 -2.71 14.38
C VAL B 299 -22.28 -1.48 14.07
N LEU B 300 -23.36 -1.69 13.31
CA LEU B 300 -24.23 -0.61 12.88
C LEU B 300 -25.55 -0.42 13.62
N VAL B 301 -25.84 0.83 14.00
CA VAL B 301 -27.11 1.16 14.66
C VAL B 301 -27.57 2.49 14.09
N ASN B 302 -28.74 2.47 13.44
CA ASN B 302 -29.31 3.65 12.80
C ASN B 302 -28.29 4.27 11.86
N GLY B 303 -27.62 3.46 11.06
CA GLY B 303 -26.62 3.99 10.14
C GLY B 303 -25.29 4.43 10.75
N LYS B 304 -25.22 4.53 12.08
CA LYS B 304 -23.99 4.94 12.76
C LYS B 304 -23.19 3.66 13.13
N ARG B 305 -21.86 3.77 13.23
CA ARG B 305 -21.01 2.62 13.59
C ARG B 305 -20.69 2.67 15.08
N CYS B 306 -20.87 1.55 15.78
CA CYS B 306 -20.63 1.50 17.23
C CYS B 306 -19.63 0.43 17.64
N GLU B 307 -18.69 0.78 18.51
CA GLU B 307 -17.66 -0.15 18.95
C GLU B 307 -18.06 -1.13 20.03
N ILE B 308 -17.61 -2.38 19.90
CA ILE B 308 -17.91 -3.40 20.90
C ILE B 308 -16.86 -3.19 21.99
N VAL B 309 -17.30 -2.69 23.13
CA VAL B 309 -16.37 -2.40 24.21
C VAL B 309 -16.43 -3.45 25.30
N GLY B 310 -15.27 -3.71 25.91
CA GLY B 310 -15.19 -4.71 26.95
C GLY B 310 -15.21 -6.10 26.33
N ARG B 311 -15.09 -7.12 27.17
CA ARG B 311 -15.08 -8.49 26.71
C ARG B 311 -16.42 -9.01 26.25
N VAL B 312 -16.44 -9.58 25.07
CA VAL B 312 -17.65 -10.18 24.54
C VAL B 312 -18.04 -11.27 25.54
N CYS B 313 -19.34 -11.50 25.71
CA CYS B 313 -19.80 -12.53 26.64
C CYS B 313 -20.39 -13.73 25.90
N MET B 314 -20.71 -14.78 26.66
CA MET B 314 -21.29 -15.97 26.08
C MET B 314 -22.59 -15.65 25.34
N ASP B 315 -23.47 -14.85 25.95
CA ASP B 315 -24.75 -14.50 25.34
C ASP B 315 -25.01 -13.02 25.03
N GLN B 316 -24.02 -12.16 25.23
CA GLN B 316 -24.21 -10.75 24.93
C GLN B 316 -22.91 -9.96 24.81
N CYS B 317 -23.03 -8.72 24.36
CA CYS B 317 -21.88 -7.85 24.21
C CYS B 317 -22.30 -6.39 24.29
N MET B 318 -21.42 -5.56 24.81
CA MET B 318 -21.68 -4.13 24.97
C MET B 318 -21.03 -3.28 23.88
N ILE B 319 -21.82 -2.36 23.32
CA ILE B 319 -21.34 -1.46 22.28
C ILE B 319 -21.48 -0.01 22.68
N ARG B 320 -20.73 0.87 22.05
CA ARG B 320 -20.80 2.28 22.38
C ARG B 320 -21.62 3.03 21.35
N LEU B 321 -22.65 3.73 21.81
CA LEU B 321 -23.53 4.51 20.95
C LEU B 321 -23.09 5.98 21.09
N ALA B 322 -23.20 6.76 20.03
CA ALA B 322 -22.79 8.17 20.10
C ALA B 322 -23.84 9.02 20.79
N GLU B 323 -25.04 8.49 20.88
CA GLU B 323 -26.13 9.22 21.49
C GLU B 323 -27.17 8.36 22.20
N GLU B 324 -28.00 9.04 22.97
CA GLU B 324 -29.07 8.46 23.75
C GLU B 324 -30.21 7.91 22.89
N VAL B 325 -30.27 6.59 22.73
CA VAL B 325 -31.36 5.96 21.96
C VAL B 325 -32.08 5.03 22.90
N PRO B 326 -33.31 4.65 22.55
CA PRO B 326 -34.07 3.74 23.42
C PRO B 326 -33.79 2.29 23.08
N VAL B 327 -34.50 1.40 23.77
CA VAL B 327 -34.42 -0.04 23.60
C VAL B 327 -35.22 -0.42 22.34
N GLY B 328 -34.75 -1.42 21.60
CA GLY B 328 -35.49 -1.85 20.41
C GLY B 328 -34.89 -1.57 19.04
N PRO B 329 -33.99 -0.59 18.90
CA PRO B 329 -33.50 -0.43 17.53
C PRO B 329 -32.59 -1.57 17.06
N VAL B 330 -32.67 -1.85 15.76
CA VAL B 330 -31.91 -2.91 15.12
C VAL B 330 -30.40 -2.71 15.13
N VAL B 331 -29.70 -3.83 15.20
CA VAL B 331 -28.26 -3.85 15.20
C VAL B 331 -27.86 -4.71 14.02
N THR B 332 -27.08 -4.15 13.11
CA THR B 332 -26.62 -4.87 11.95
C THR B 332 -25.18 -5.31 12.21
N LEU B 333 -24.98 -6.61 12.36
CA LEU B 333 -23.65 -7.15 12.63
C LEU B 333 -22.93 -7.54 11.34
N VAL B 334 -23.70 -8.00 10.36
CA VAL B 334 -23.18 -8.36 9.06
C VAL B 334 -24.23 -7.92 8.06
N GLY B 335 -23.95 -6.88 7.29
CA GLY B 335 -24.94 -6.42 6.33
C GLY B 335 -24.86 -4.94 6.13
N LYS B 336 -25.84 -4.38 5.44
CA LYS B 336 -25.87 -2.96 5.18
C LYS B 336 -26.85 -2.19 6.09
N ASP B 337 -26.42 -1.00 6.51
CA ASP B 337 -27.24 -0.13 7.32
C ASP B 337 -26.80 1.28 7.03
N GLY B 338 -27.67 2.03 6.37
CA GLY B 338 -27.33 3.40 5.99
C GLY B 338 -26.33 3.28 4.86
N ASN B 339 -25.25 4.06 4.93
CA ASN B 339 -24.23 4.01 3.91
C ASN B 339 -23.03 3.22 4.41
N GLU B 340 -23.24 2.47 5.48
CA GLU B 340 -22.17 1.68 6.05
C GLU B 340 -22.45 0.20 5.82
N GLU B 341 -21.40 -0.57 5.55
CA GLU B 341 -21.58 -2.00 5.34
C GLU B 341 -20.59 -2.86 6.11
N ASN B 342 -21.08 -3.99 6.58
CA ASN B 342 -20.27 -4.95 7.30
C ASN B 342 -20.30 -6.22 6.49
N THR B 343 -19.12 -6.67 6.10
CA THR B 343 -19.01 -7.88 5.28
C THR B 343 -18.38 -9.04 6.04
N LEU B 344 -18.81 -10.25 5.70
CA LEU B 344 -18.27 -11.43 6.34
C LEU B 344 -16.77 -11.32 6.24
N GLN B 345 -16.30 -10.93 5.06
CA GLN B 345 -14.88 -10.77 4.82
C GLN B 345 -14.33 -9.86 5.89
N MET B 346 -15.10 -8.83 6.25
CA MET B 346 -14.65 -7.90 7.27
C MET B 346 -14.64 -8.56 8.65
N VAL B 347 -15.65 -9.36 8.95
CA VAL B 347 -15.66 -10.02 10.24
C VAL B 347 -14.46 -10.96 10.28
N ALA B 348 -14.34 -11.82 9.26
CA ALA B 348 -13.24 -12.78 9.12
C ALA B 348 -11.88 -12.15 9.31
N GLU B 349 -11.65 -11.03 8.61
CA GLU B 349 -10.38 -10.33 8.72
C GLU B 349 -10.08 -9.89 10.13
N LYS B 350 -11.09 -9.51 10.91
CA LYS B 350 -10.79 -9.10 12.26
C LYS B 350 -10.52 -10.33 13.12
N LEU B 351 -11.18 -11.44 12.77
CA LEU B 351 -10.99 -12.70 13.49
C LEU B 351 -9.76 -13.42 12.97
N GLU B 352 -9.08 -12.80 12.00
CA GLU B 352 -7.89 -13.36 11.40
C GLU B 352 -8.04 -14.74 10.76
N THR B 353 -9.25 -15.05 10.31
CA THR B 353 -9.52 -16.33 9.64
C THR B 353 -10.07 -15.95 8.26
N ILE B 354 -10.90 -16.84 7.71
CA ILE B 354 -11.51 -16.65 6.40
C ILE B 354 -13.03 -16.73 6.60
N HIS B 355 -13.81 -16.17 5.68
CA HIS B 355 -15.25 -16.22 5.89
C HIS B 355 -15.87 -17.61 5.91
N TYR B 356 -15.14 -18.62 5.46
CA TYR B 356 -15.71 -19.97 5.51
C TYR B 356 -15.92 -20.32 6.97
N GLU B 357 -14.90 -20.03 7.78
CA GLU B 357 -14.93 -20.33 9.21
C GLU B 357 -15.97 -19.51 9.96
N VAL B 358 -16.02 -18.21 9.70
CA VAL B 358 -16.99 -17.35 10.36
C VAL B 358 -18.39 -17.85 10.03
N ALA B 359 -18.69 -18.03 8.75
CA ALA B 359 -20.02 -18.50 8.39
C ALA B 359 -20.37 -19.85 9.03
N CYS B 360 -19.38 -20.74 9.13
CA CYS B 360 -19.60 -22.06 9.73
C CYS B 360 -19.75 -22.02 11.25
N THR B 361 -19.18 -21.00 11.88
CA THR B 361 -19.25 -20.92 13.32
C THR B 361 -20.56 -20.39 13.89
N PHE B 362 -21.32 -19.63 13.11
CA PHE B 362 -22.60 -19.09 13.59
C PHE B 362 -23.46 -20.24 14.11
N SER B 363 -23.63 -20.30 15.43
CA SER B 363 -24.39 -21.36 16.06
C SER B 363 -25.77 -21.57 15.45
N GLN B 364 -26.25 -22.82 15.47
CA GLN B 364 -27.56 -23.14 14.90
C GLN B 364 -28.66 -22.61 15.80
N ARG B 365 -28.28 -22.13 16.99
CA ARG B 365 -29.26 -21.57 17.90
C ARG B 365 -29.66 -20.15 17.44
N ILE B 366 -28.96 -19.64 16.43
CA ILE B 366 -29.30 -18.33 15.86
C ILE B 366 -30.25 -18.68 14.73
N PRO B 367 -31.54 -18.34 14.87
CA PRO B 367 -32.55 -18.61 13.84
C PRO B 367 -32.22 -18.03 12.46
N ARG B 368 -32.39 -18.85 11.44
CA ARG B 368 -32.14 -18.39 10.08
C ARG B 368 -33.51 -18.21 9.46
N GLU B 369 -33.72 -17.10 8.77
CA GLU B 369 -35.01 -16.83 8.13
C GLU B 369 -34.79 -16.76 6.63
N TYR B 370 -35.78 -17.17 5.84
CA TYR B 370 -35.61 -17.16 4.39
C TYR B 370 -36.60 -16.38 3.56
N ASN B 371 -36.08 -15.77 2.51
CA ASN B 371 -36.87 -14.97 1.58
C ASN B 371 -36.80 -15.54 0.16
N VAL C 2 7.76 25.50 -5.40
CA VAL C 2 8.25 24.09 -5.46
C VAL C 2 9.36 23.83 -4.48
N VAL C 3 10.10 24.86 -4.11
CA VAL C 3 11.19 24.72 -3.15
C VAL C 3 10.97 25.68 -1.98
N GLY C 4 10.87 25.14 -0.78
CA GLY C 4 10.62 25.97 0.38
C GLY C 4 11.71 26.89 0.87
N TRP C 5 12.11 27.87 0.06
CA TRP C 5 13.15 28.79 0.51
C TRP C 5 12.67 29.74 1.61
N HIS C 6 11.38 29.98 1.68
CA HIS C 6 10.82 30.89 2.68
C HIS C 6 10.31 30.19 3.92
N ARG C 7 11.10 29.27 4.43
CA ARG C 7 10.75 28.51 5.62
C ARG C 7 12.07 28.04 6.24
N PRO C 8 12.22 28.19 7.57
CA PRO C 8 13.46 27.78 8.26
C PRO C 8 13.92 26.33 8.12
N THR C 9 13.08 25.46 7.56
CA THR C 9 13.48 24.06 7.39
C THR C 9 14.57 24.05 6.33
N ARG C 10 15.72 23.44 6.64
CA ARG C 10 16.83 23.42 5.69
C ARG C 10 17.76 22.19 5.74
N LEU C 11 18.32 21.83 4.57
CA LEU C 11 19.25 20.70 4.46
C LEU C 11 20.63 21.25 4.12
N HIS C 12 21.60 21.03 5.00
CA HIS C 12 22.95 21.49 4.74
C HIS C 12 23.80 20.32 4.28
N ILE C 13 24.51 20.50 3.18
CA ILE C 13 25.37 19.43 2.66
C ILE C 13 26.84 19.82 2.72
N ASP C 14 27.64 18.99 3.38
CA ASP C 14 29.06 19.21 3.53
C ASP C 14 29.80 18.49 2.39
N THR C 15 29.94 19.17 1.26
CA THR C 15 30.61 18.60 0.10
C THR C 15 32.05 18.20 0.41
N GLN C 16 32.73 18.94 1.28
CA GLN C 16 34.11 18.61 1.63
C GLN C 16 34.16 17.16 2.11
N ALA C 17 33.14 16.74 2.86
CA ALA C 17 33.11 15.38 3.34
C ALA C 17 33.16 14.46 2.13
N ILE C 18 32.23 14.69 1.19
CA ILE C 18 32.14 13.89 -0.03
C ILE C 18 33.52 13.69 -0.61
N THR C 19 34.29 14.77 -0.73
CA THR C 19 35.63 14.66 -1.29
C THR C 19 36.55 13.85 -0.41
N GLU C 20 36.49 14.11 0.89
CA GLU C 20 37.34 13.37 1.81
C GLU C 20 37.03 11.88 1.71
N ASN C 21 35.76 11.51 1.88
CA ASN C 21 35.36 10.10 1.82
C ASN C 21 35.85 9.48 0.53
N VAL C 22 35.78 10.23 -0.56
CA VAL C 22 36.22 9.72 -1.85
C VAL C 22 37.74 9.60 -1.92
N GLN C 23 38.44 10.66 -1.51
CA GLN C 23 39.89 10.63 -1.54
C GLN C 23 40.39 9.38 -0.82
N LYS C 24 40.08 9.29 0.46
CA LYS C 24 40.50 8.16 1.29
C LYS C 24 40.30 6.81 0.61
N GLU C 25 39.18 6.64 -0.08
CA GLU C 25 38.93 5.36 -0.74
C GLU C 25 39.91 5.19 -1.92
N CYS C 26 40.14 6.27 -2.66
CA CYS C 26 41.07 6.21 -3.78
C CYS C 26 42.46 5.77 -3.31
N GLN C 27 42.84 6.21 -2.11
CA GLN C 27 44.13 5.88 -1.53
C GLN C 27 44.26 4.40 -1.17
N ARG C 28 43.13 3.71 -1.15
CA ARG C 28 43.12 2.29 -0.82
C ARG C 28 42.96 1.44 -2.09
N LEU C 29 42.91 2.14 -3.21
CA LEU C 29 42.76 1.48 -4.51
C LEU C 29 44.10 1.41 -5.22
N PRO C 30 44.35 0.31 -5.94
CA PRO C 30 45.61 0.13 -6.67
C PRO C 30 45.67 1.23 -7.74
N GLU C 31 46.87 1.55 -8.23
CA GLU C 31 47.00 2.61 -9.21
C GLU C 31 46.21 2.34 -10.49
N GLY C 32 45.78 1.10 -10.67
CA GLY C 32 45.03 0.78 -11.87
C GLY C 32 43.53 0.79 -11.70
N THR C 33 43.07 0.73 -10.46
CA THR C 33 41.64 0.71 -10.19
C THR C 33 41.01 2.12 -10.23
N ALA C 34 40.00 2.29 -11.08
CA ALA C 34 39.31 3.58 -11.22
C ALA C 34 38.15 3.72 -10.24
N LEU C 35 37.74 4.96 -9.97
CA LEU C 35 36.65 5.20 -9.04
C LEU C 35 35.52 5.98 -9.68
N PHE C 36 34.42 5.29 -9.95
CA PHE C 36 33.24 5.94 -10.54
C PHE C 36 32.26 6.29 -9.42
N ALA C 37 31.85 7.55 -9.31
CA ALA C 37 30.94 7.99 -8.25
C ALA C 37 29.47 7.87 -8.65
N VAL C 38 28.75 6.92 -8.07
CA VAL C 38 27.35 6.77 -8.42
C VAL C 38 26.58 7.88 -7.71
N VAL C 39 25.96 8.74 -8.50
CA VAL C 39 25.22 9.88 -7.96
C VAL C 39 23.75 9.89 -8.36
N LYS C 40 23.19 8.72 -8.64
CA LYS C 40 21.79 8.67 -9.05
C LYS C 40 20.84 9.17 -7.96
N ALA C 41 19.56 9.30 -8.32
CA ALA C 41 18.54 9.75 -7.39
C ALA C 41 19.00 11.00 -6.67
N ASN C 42 19.44 11.99 -7.45
CA ASN C 42 19.90 13.26 -6.93
C ASN C 42 20.93 13.07 -5.82
N GLY C 43 22.00 12.35 -6.12
CA GLY C 43 23.03 12.13 -5.11
C GLY C 43 22.52 11.57 -3.81
N TYR C 44 21.60 10.61 -3.90
CA TYR C 44 21.03 10.00 -2.70
C TYR C 44 20.41 11.13 -1.88
N GLY C 45 19.74 12.03 -2.57
CA GLY C 45 19.09 13.13 -1.89
C GLY C 45 19.99 14.27 -1.47
N HIS C 46 21.28 14.21 -1.85
CA HIS C 46 22.24 15.25 -1.51
C HIS C 46 22.46 16.28 -2.62
N GLY C 47 22.10 15.92 -3.85
CA GLY C 47 22.30 16.81 -4.99
C GLY C 47 23.35 16.28 -5.96
N ALA C 48 22.88 15.78 -7.09
CA ALA C 48 23.72 15.19 -8.13
C ALA C 48 24.93 16.01 -8.57
N VAL C 49 24.68 17.14 -9.22
CA VAL C 49 25.79 17.94 -9.70
C VAL C 49 26.83 18.25 -8.62
N GLU C 50 26.39 18.75 -7.48
CA GLU C 50 27.32 19.07 -6.39
C GLU C 50 28.01 17.81 -5.86
N SER C 51 27.30 16.69 -5.83
CA SER C 51 27.91 15.45 -5.35
C SER C 51 28.95 15.03 -6.39
N ALA C 52 28.58 15.14 -7.66
CA ALA C 52 29.47 14.79 -8.75
C ALA C 52 30.72 15.67 -8.69
N LYS C 53 30.48 16.97 -8.56
CA LYS C 53 31.55 17.96 -8.52
C LYS C 53 32.46 17.72 -7.32
N ALA C 54 31.86 17.37 -6.18
CA ALA C 54 32.63 17.12 -4.99
C ALA C 54 33.35 15.79 -5.21
N ALA C 55 32.60 14.82 -5.73
CA ALA C 55 33.12 13.50 -6.03
C ALA C 55 34.40 13.58 -6.87
N LYS C 56 34.32 14.31 -7.98
CA LYS C 56 35.47 14.47 -8.88
C LYS C 56 36.72 14.95 -8.12
N LYS C 57 36.60 16.07 -7.41
CA LYS C 57 37.72 16.64 -6.64
C LYS C 57 38.41 15.65 -5.70
N GLY C 58 37.82 14.48 -5.52
CA GLY C 58 38.42 13.50 -4.62
C GLY C 58 39.07 12.34 -5.37
N GLY C 59 39.08 12.44 -6.69
CA GLY C 59 39.70 11.40 -7.51
C GLY C 59 38.75 10.71 -8.47
N ALA C 60 37.47 11.04 -8.40
CA ALA C 60 36.49 10.42 -9.27
C ALA C 60 36.79 10.68 -10.75
N THR C 61 36.72 9.63 -11.57
CA THR C 61 36.99 9.77 -13.00
C THR C 61 35.85 9.20 -13.87
N GLY C 62 34.67 9.06 -13.27
CA GLY C 62 33.51 8.54 -13.98
C GLY C 62 32.33 8.57 -13.01
N PHE C 63 31.11 8.59 -13.52
CA PHE C 63 29.94 8.62 -12.67
C PHE C 63 28.85 7.66 -13.12
N CYS C 64 28.06 7.17 -12.17
CA CYS C 64 26.97 6.26 -12.46
C CYS C 64 25.64 6.85 -12.07
N VAL C 65 24.66 6.72 -12.95
CA VAL C 65 23.32 7.22 -12.71
C VAL C 65 22.31 6.16 -13.13
N ALA C 66 21.05 6.35 -12.77
CA ALA C 66 20.01 5.36 -13.06
C ALA C 66 19.01 5.76 -14.13
N LEU C 67 19.15 6.96 -14.67
CA LEU C 67 18.22 7.41 -15.71
C LEU C 67 18.95 8.11 -16.84
N LEU C 68 18.33 8.12 -18.01
CA LEU C 68 18.91 8.79 -19.16
C LEU C 68 19.05 10.29 -18.88
N ASP C 69 17.94 10.95 -18.60
CA ASP C 69 17.97 12.39 -18.32
C ASP C 69 18.80 12.79 -17.09
N GLU C 70 19.04 11.86 -16.16
CA GLU C 70 19.88 12.18 -15.00
C GLU C 70 21.30 12.36 -15.53
N ALA C 71 21.63 11.60 -16.56
CA ALA C 71 22.95 11.68 -17.19
C ALA C 71 22.97 13.00 -17.97
N ILE C 72 21.97 13.21 -18.82
CA ILE C 72 21.92 14.45 -19.58
C ILE C 72 22.16 15.62 -18.63
N GLU C 73 21.56 15.60 -17.45
CA GLU C 73 21.75 16.69 -16.48
C GLU C 73 23.23 16.83 -16.15
N LEU C 74 23.93 15.70 -16.01
CA LEU C 74 25.35 15.74 -15.70
C LEU C 74 26.13 16.29 -16.88
N ARG C 75 25.78 15.84 -18.08
CA ARG C 75 26.44 16.32 -19.30
C ARG C 75 26.22 17.83 -19.33
N GLU C 76 24.95 18.22 -19.20
CA GLU C 76 24.56 19.62 -19.20
C GLU C 76 25.28 20.41 -18.11
N ALA C 77 25.41 19.80 -16.93
CA ALA C 77 26.09 20.44 -15.82
C ALA C 77 27.55 20.65 -16.17
N GLY C 78 28.00 20.03 -17.26
CA GLY C 78 29.37 20.18 -17.71
C GLY C 78 30.33 19.02 -17.49
N VAL C 79 29.88 17.92 -16.90
CA VAL C 79 30.80 16.81 -16.67
C VAL C 79 31.12 16.15 -18.01
N GLN C 80 32.42 16.04 -18.29
CA GLN C 80 32.88 15.48 -19.54
C GLN C 80 33.51 14.11 -19.35
N ASP C 81 33.30 13.52 -18.18
CA ASP C 81 33.85 12.19 -17.91
C ASP C 81 32.85 11.11 -18.31
N PRO C 82 33.29 9.86 -18.34
CA PRO C 82 32.38 8.78 -18.71
C PRO C 82 31.22 8.73 -17.74
N ILE C 83 30.01 8.53 -18.26
CA ILE C 83 28.83 8.43 -17.44
C ILE C 83 28.14 7.12 -17.73
N LEU C 84 28.04 6.26 -16.74
CA LEU C 84 27.39 4.98 -16.91
C LEU C 84 25.98 4.93 -16.32
N ILE C 85 25.01 4.67 -17.18
CA ILE C 85 23.61 4.57 -16.78
C ILE C 85 23.54 3.12 -16.30
N LEU C 86 23.11 2.90 -15.06
CA LEU C 86 23.07 1.53 -14.51
C LEU C 86 21.98 0.56 -14.90
N SER C 87 20.86 1.03 -15.45
CA SER C 87 19.81 0.10 -15.85
C SER C 87 19.52 0.17 -17.34
N VAL C 88 18.62 -0.67 -17.81
CA VAL C 88 18.25 -0.71 -19.22
C VAL C 88 17.61 0.59 -19.67
N VAL C 89 17.80 0.91 -20.95
CA VAL C 89 17.24 2.13 -21.54
C VAL C 89 16.46 1.82 -22.82
N ASP C 90 15.27 2.39 -22.97
CA ASP C 90 14.46 2.13 -24.17
C ASP C 90 15.24 2.36 -25.46
N LEU C 91 14.87 1.63 -26.51
CA LEU C 91 15.53 1.75 -27.80
C LEU C 91 15.17 3.07 -28.45
N ALA C 92 13.95 3.51 -28.21
CA ALA C 92 13.50 4.78 -28.78
C ALA C 92 14.51 5.86 -28.45
N TYR C 93 15.24 5.69 -27.34
CA TYR C 93 16.21 6.68 -26.90
C TYR C 93 17.67 6.38 -27.20
N VAL C 94 17.92 5.37 -28.03
CA VAL C 94 19.28 5.01 -28.38
C VAL C 94 20.02 6.20 -28.97
N PRO C 95 19.34 6.98 -29.82
CA PRO C 95 20.07 8.13 -30.37
C PRO C 95 20.64 9.04 -29.28
N LEU C 96 19.87 9.27 -28.22
CA LEU C 96 20.32 10.13 -27.14
C LEU C 96 21.62 9.66 -26.51
N LEU C 97 21.90 8.37 -26.60
CA LEU C 97 23.11 7.84 -26.01
C LEU C 97 24.33 8.24 -26.80
N ILE C 98 24.17 8.35 -28.11
CA ILE C 98 25.28 8.75 -28.98
C ILE C 98 25.50 10.25 -28.77
N GLN C 99 24.42 11.01 -28.96
CA GLN C 99 24.44 12.47 -28.82
C GLN C 99 25.10 12.98 -27.55
N TYR C 100 25.03 12.19 -26.48
CA TYR C 100 25.64 12.59 -25.23
C TYR C 100 26.84 11.70 -24.90
N ASP C 101 27.17 10.78 -25.82
CA ASP C 101 28.29 9.86 -25.63
C ASP C 101 28.17 9.23 -24.25
N LEU C 102 27.01 8.67 -23.95
CA LEU C 102 26.75 8.04 -22.67
C LEU C 102 27.06 6.58 -22.75
N SER C 103 27.42 6.00 -21.61
CA SER C 103 27.71 4.59 -21.56
C SER C 103 26.46 3.86 -21.04
N VAL C 104 25.98 2.88 -21.80
CA VAL C 104 24.80 2.13 -21.37
C VAL C 104 25.08 0.66 -21.05
N THR C 105 24.30 0.18 -20.08
CA THR C 105 24.36 -1.19 -19.63
C THR C 105 23.37 -1.95 -20.50
N VAL C 106 23.69 -3.21 -20.80
CA VAL C 106 22.82 -4.03 -21.63
C VAL C 106 22.73 -5.38 -20.97
N ALA C 107 21.56 -6.01 -21.09
CA ALA C 107 21.33 -7.30 -20.46
C ALA C 107 20.71 -8.34 -21.38
N THR C 108 20.42 -7.97 -22.62
CA THR C 108 19.85 -8.93 -23.56
C THR C 108 20.51 -8.86 -24.93
N GLN C 109 20.64 -10.03 -25.56
CA GLN C 109 21.21 -10.08 -26.90
C GLN C 109 20.18 -9.41 -27.81
N GLU C 110 18.92 -9.53 -27.41
CA GLU C 110 17.82 -8.94 -28.14
C GLU C 110 17.96 -7.42 -28.25
N TRP C 111 18.39 -6.77 -27.16
CA TRP C 111 18.55 -5.31 -27.15
C TRP C 111 19.59 -4.81 -28.14
N LEU C 112 20.76 -5.43 -28.12
CA LEU C 112 21.86 -5.09 -29.00
C LEU C 112 21.44 -5.23 -30.46
N GLU C 113 20.91 -6.38 -30.82
CA GLU C 113 20.48 -6.63 -32.21
C GLU C 113 19.50 -5.58 -32.70
N ALA C 114 18.54 -5.21 -31.85
CA ALA C 114 17.57 -4.19 -32.22
C ALA C 114 18.23 -2.81 -32.22
N ALA C 115 19.24 -2.63 -31.39
CA ALA C 115 19.94 -1.36 -31.33
C ALA C 115 20.82 -1.26 -32.56
N LEU C 116 21.35 -2.40 -32.98
CA LEU C 116 22.25 -2.48 -34.14
C LEU C 116 21.62 -1.77 -35.32
N GLN C 117 20.30 -1.83 -35.41
CA GLN C 117 19.57 -1.18 -36.47
C GLN C 117 19.61 0.31 -36.09
N GLN C 118 18.97 1.17 -36.85
CA GLN C 118 18.97 2.60 -36.52
C GLN C 118 20.31 3.06 -35.92
N LEU C 119 21.41 2.45 -36.37
CA LEU C 119 22.75 2.82 -35.93
C LEU C 119 23.58 2.78 -37.22
N THR C 120 24.18 3.90 -37.60
CA THR C 120 24.98 3.94 -38.83
C THR C 120 26.00 2.82 -38.93
N PRO C 121 26.19 2.27 -40.14
CA PRO C 121 27.14 1.19 -40.44
C PRO C 121 28.45 1.25 -39.66
N GLU C 122 29.12 2.39 -39.72
CA GLU C 122 30.38 2.60 -39.00
C GLU C 122 30.46 4.02 -38.46
N SER C 123 29.54 4.33 -37.56
CA SER C 123 29.46 5.65 -36.96
C SER C 123 30.81 6.13 -36.45
N ASN C 124 31.02 7.44 -36.51
CA ASN C 124 32.26 8.01 -36.01
C ASN C 124 32.05 8.14 -34.50
N THR C 125 30.89 7.70 -34.05
CA THR C 125 30.54 7.76 -32.65
C THR C 125 29.94 6.43 -32.22
N PRO C 126 30.79 5.49 -31.80
CA PRO C 126 30.39 4.15 -31.35
C PRO C 126 29.49 4.25 -30.12
N LEU C 127 28.69 3.21 -29.88
CA LEU C 127 27.81 3.17 -28.72
C LEU C 127 28.53 2.41 -27.61
N ARG C 128 28.89 3.12 -26.55
CA ARG C 128 29.59 2.52 -25.42
C ARG C 128 28.74 1.59 -24.54
N VAL C 129 28.85 0.30 -24.77
CA VAL C 129 28.08 -0.67 -23.99
C VAL C 129 28.85 -1.39 -22.88
N HIS C 130 28.16 -1.65 -21.78
CA HIS C 130 28.73 -2.39 -20.66
C HIS C 130 27.76 -3.55 -20.52
N LEU C 131 28.28 -4.77 -20.50
CA LEU C 131 27.42 -5.94 -20.38
C LEU C 131 27.23 -6.29 -18.93
N LYS C 132 25.97 -6.42 -18.50
CA LYS C 132 25.65 -6.74 -17.12
C LYS C 132 25.43 -8.23 -16.97
N VAL C 133 26.13 -8.85 -16.04
CA VAL C 133 25.93 -10.28 -15.82
C VAL C 133 25.28 -10.51 -14.47
N ASP C 134 24.17 -11.24 -14.49
CA ASP C 134 23.47 -11.52 -13.26
C ASP C 134 24.14 -12.70 -12.62
N THR C 135 24.80 -12.46 -11.51
CA THR C 135 25.50 -13.53 -10.83
C THR C 135 24.89 -13.78 -9.47
N GLY C 136 23.63 -13.37 -9.29
CA GLY C 136 22.98 -13.57 -8.01
C GLY C 136 22.02 -12.49 -7.55
N MET C 137 22.20 -11.27 -8.03
CA MET C 137 21.31 -10.17 -7.65
C MET C 137 19.91 -10.55 -8.09
N GLY C 138 19.77 -11.02 -9.33
CA GLY C 138 18.48 -11.43 -9.81
C GLY C 138 17.61 -10.36 -10.43
N ARG C 139 18.14 -9.16 -10.61
CA ARG C 139 17.32 -8.13 -11.24
C ARG C 139 17.57 -8.04 -12.74
N ILE C 140 18.80 -7.76 -13.14
CA ILE C 140 19.11 -7.63 -14.57
C ILE C 140 20.44 -8.29 -14.92
N GLY C 141 20.64 -8.58 -16.21
CA GLY C 141 21.89 -9.18 -16.63
C GLY C 141 21.79 -10.51 -17.34
N PHE C 142 22.91 -10.95 -17.90
CA PHE C 142 22.94 -12.23 -18.58
C PHE C 142 23.16 -13.28 -17.52
N LEU C 143 22.37 -14.35 -17.58
CA LEU C 143 22.46 -15.42 -16.60
C LEU C 143 23.55 -16.44 -16.89
N THR C 144 24.00 -16.50 -18.14
CA THR C 144 24.97 -17.50 -18.52
C THR C 144 26.29 -17.11 -19.17
N PRO C 145 27.37 -17.80 -18.78
CA PRO C 145 28.70 -17.53 -19.34
C PRO C 145 28.59 -17.60 -20.87
N GLU C 146 27.89 -18.61 -21.37
CA GLU C 146 27.73 -18.78 -22.80
C GLU C 146 27.00 -17.58 -23.39
N GLU C 147 25.85 -17.23 -22.82
CA GLU C 147 25.08 -16.07 -23.29
C GLU C 147 25.99 -14.83 -23.23
N THR C 148 26.60 -14.63 -22.07
CA THR C 148 27.49 -13.50 -21.86
C THR C 148 28.46 -13.46 -23.02
N LYS C 149 29.14 -14.58 -23.24
CA LYS C 149 30.12 -14.70 -24.32
C LYS C 149 29.48 -14.38 -25.67
N GLN C 150 28.33 -14.96 -25.94
CA GLN C 150 27.64 -14.71 -27.20
C GLN C 150 27.36 -13.21 -27.35
N ALA C 151 27.00 -12.57 -26.24
CA ALA C 151 26.74 -11.14 -26.24
C ALA C 151 28.00 -10.42 -26.68
N VAL C 152 29.12 -10.81 -26.12
CA VAL C 152 30.41 -10.20 -26.44
C VAL C 152 30.76 -10.38 -27.92
N ARG C 153 30.72 -11.62 -28.40
CA ARG C 153 31.03 -11.90 -29.79
C ARG C 153 30.25 -10.94 -30.68
N PHE C 154 28.97 -10.76 -30.38
CA PHE C 154 28.15 -9.89 -31.17
C PHE C 154 28.57 -8.42 -31.08
N VAL C 155 28.78 -7.93 -29.87
CA VAL C 155 29.19 -6.54 -29.72
C VAL C 155 30.56 -6.32 -30.38
N GLN C 156 31.40 -7.35 -30.36
CA GLN C 156 32.72 -7.24 -30.95
C GLN C 156 32.67 -7.17 -32.48
N SER C 157 31.70 -7.87 -33.08
CA SER C 157 31.57 -7.92 -34.53
C SER C 157 30.85 -6.77 -35.23
N HIS C 158 30.78 -5.61 -34.58
CA HIS C 158 30.14 -4.44 -35.16
C HIS C 158 30.79 -3.16 -34.68
N LYS C 159 31.50 -2.50 -35.59
CA LYS C 159 32.19 -1.26 -35.28
C LYS C 159 31.27 -0.22 -34.68
N GLU C 160 29.96 -0.33 -34.96
CA GLU C 160 29.01 0.64 -34.42
C GLU C 160 28.85 0.53 -32.92
N PHE C 161 29.62 -0.37 -32.32
CA PHE C 161 29.63 -0.59 -30.88
C PHE C 161 31.05 -0.51 -30.34
N LEU C 162 31.15 -0.39 -29.02
CA LEU C 162 32.42 -0.38 -28.31
C LEU C 162 32.06 -0.80 -26.93
N TRP C 163 32.44 -2.02 -26.53
CA TRP C 163 32.11 -2.41 -25.17
C TRP C 163 33.28 -2.06 -24.29
N GLU C 164 33.12 -0.98 -23.53
CA GLU C 164 34.17 -0.55 -22.65
C GLU C 164 34.05 -1.29 -21.32
N GLY C 165 32.99 -2.08 -21.18
CA GLY C 165 32.83 -2.81 -19.94
C GLY C 165 31.98 -4.07 -19.86
N ILE C 166 32.19 -4.78 -18.76
CA ILE C 166 31.47 -5.99 -18.46
C ILE C 166 31.41 -5.91 -16.96
N PHE C 167 30.26 -6.25 -16.38
CA PHE C 167 30.17 -6.14 -14.93
C PHE C 167 29.03 -6.90 -14.34
N THR C 168 28.97 -6.88 -13.01
CA THR C 168 27.91 -7.54 -12.25
C THR C 168 27.76 -6.80 -10.92
N HIS C 169 26.71 -7.11 -10.18
CA HIS C 169 26.50 -6.43 -8.91
C HIS C 169 26.19 -7.38 -7.77
N PHE C 170 26.74 -7.09 -6.59
CA PHE C 170 26.56 -7.96 -5.41
C PHE C 170 25.33 -7.64 -4.59
N SER C 171 24.66 -8.68 -4.10
CA SER C 171 23.45 -8.52 -3.29
C SER C 171 23.69 -8.63 -1.78
N THR C 172 24.83 -9.15 -1.36
CA THR C 172 25.11 -9.29 0.08
C THR C 172 26.54 -8.93 0.48
N ALA C 173 27.11 -7.91 -0.15
CA ALA C 173 28.47 -7.55 0.20
C ALA C 173 28.53 -7.09 1.66
N ASP C 174 27.47 -6.40 2.08
CA ASP C 174 27.39 -5.85 3.44
C ASP C 174 26.93 -6.81 4.53
N GLU C 175 27.09 -8.11 4.34
CA GLU C 175 26.68 -9.06 5.35
C GLU C 175 27.85 -9.85 5.93
N ILE C 176 27.73 -10.26 7.20
CA ILE C 176 28.78 -11.03 7.87
C ILE C 176 28.99 -12.38 7.20
N ASP C 177 27.90 -13.05 6.82
CA ASP C 177 28.02 -14.33 6.13
C ASP C 177 28.46 -13.99 4.71
N THR C 178 29.59 -14.55 4.29
CA THR C 178 30.13 -14.26 2.98
C THR C 178 29.82 -15.29 1.89
N SER C 179 29.21 -16.41 2.28
CA SER C 179 28.91 -17.50 1.34
C SER C 179 28.20 -17.16 0.02
N TYR C 180 27.16 -16.34 0.06
CA TYR C 180 26.47 -16.00 -1.18
C TYR C 180 27.37 -15.12 -2.03
N PHE C 181 28.07 -14.20 -1.38
CA PHE C 181 28.95 -13.29 -2.09
C PHE C 181 29.89 -14.03 -3.01
N GLU C 182 30.65 -14.96 -2.43
CA GLU C 182 31.63 -15.75 -3.19
C GLU C 182 31.00 -16.53 -4.33
N LYS C 183 29.78 -17.02 -4.11
CA LYS C 183 29.05 -17.77 -5.13
C LYS C 183 28.81 -16.84 -6.32
N GLN C 184 28.55 -15.57 -6.05
CA GLN C 184 28.31 -14.61 -7.10
C GLN C 184 29.62 -14.35 -7.83
N ALA C 185 30.71 -14.27 -7.07
CA ALA C 185 32.04 -14.04 -7.64
C ALA C 185 32.42 -15.23 -8.51
N GLY C 186 32.05 -16.42 -8.07
CA GLY C 186 32.33 -17.60 -8.85
C GLY C 186 31.61 -17.50 -10.19
N ARG C 187 30.34 -17.12 -10.16
CA ARG C 187 29.56 -17.00 -11.37
C ARG C 187 30.13 -15.95 -12.31
N PHE C 188 30.80 -14.95 -11.76
CA PHE C 188 31.36 -13.90 -12.61
C PHE C 188 32.64 -14.42 -13.27
N LYS C 189 33.50 -15.04 -12.45
CA LYS C 189 34.77 -15.60 -12.92
C LYS C 189 34.46 -16.55 -14.06
N ALA C 190 33.47 -17.42 -13.85
CA ALA C 190 33.18 -18.50 -14.78
C ALA C 190 32.64 -17.96 -16.10
N VAL C 191 32.15 -16.73 -16.08
CA VAL C 191 31.59 -16.10 -17.27
C VAL C 191 32.63 -15.22 -17.97
N LEU C 192 33.58 -14.70 -17.19
CA LEU C 192 34.74 -14.06 -17.76
C LEU C 192 35.71 -15.10 -18.29
N ALA C 193 35.65 -16.27 -17.66
CA ALA C 193 36.53 -17.38 -18.00
C ALA C 193 36.42 -17.87 -19.44
N VAL C 194 35.23 -17.77 -20.02
CA VAL C 194 35.05 -18.21 -21.39
C VAL C 194 35.26 -17.07 -22.37
N LEU C 195 35.84 -15.98 -21.89
CA LEU C 195 36.07 -14.81 -22.74
C LEU C 195 37.52 -14.67 -23.14
N GLU C 196 37.74 -14.37 -24.42
CA GLU C 196 39.09 -14.19 -24.96
C GLU C 196 39.65 -12.86 -24.49
N GLU C 197 39.06 -11.77 -24.96
CA GLU C 197 39.48 -10.43 -24.58
C GLU C 197 38.68 -9.93 -23.40
N LEU C 198 39.08 -8.77 -22.88
CA LEU C 198 38.41 -8.11 -21.77
C LEU C 198 38.44 -6.61 -22.04
N PRO C 199 37.31 -5.91 -21.81
CA PRO C 199 37.19 -4.46 -22.04
C PRO C 199 38.05 -3.65 -21.06
N ARG C 200 37.97 -2.32 -21.15
CA ARG C 200 38.77 -1.49 -20.27
C ARG C 200 38.23 -1.43 -18.86
N TYR C 201 36.93 -1.65 -18.72
CA TYR C 201 36.31 -1.62 -17.40
C TYR C 201 35.72 -2.94 -16.92
N VAL C 202 36.30 -3.47 -15.86
CA VAL C 202 35.80 -4.72 -15.29
C VAL C 202 35.51 -4.40 -13.82
N HIS C 203 34.27 -4.04 -13.56
CA HIS C 203 33.77 -3.66 -12.25
C HIS C 203 32.75 -4.61 -11.62
N VAL C 204 32.87 -4.80 -10.31
CA VAL C 204 31.97 -5.68 -9.58
C VAL C 204 31.67 -5.17 -8.19
N SER C 205 32.51 -4.26 -7.69
CA SER C 205 32.33 -3.78 -6.34
C SER C 205 31.58 -2.47 -6.13
N ASN C 206 30.91 -2.39 -4.99
CA ASN C 206 30.17 -1.21 -4.61
C ASN C 206 30.74 -0.75 -3.26
N SER C 207 30.09 0.22 -2.62
CA SER C 207 30.57 0.72 -1.34
C SER C 207 30.88 -0.44 -0.41
N ALA C 208 29.88 -1.26 -0.15
CA ALA C 208 30.05 -2.41 0.72
C ALA C 208 31.20 -3.30 0.24
N THR C 209 31.24 -3.59 -1.06
CA THR C 209 32.27 -4.46 -1.59
C THR C 209 33.65 -3.86 -1.42
N ALA C 210 33.79 -2.59 -1.78
CA ALA C 210 35.08 -1.92 -1.68
C ALA C 210 35.65 -1.90 -0.27
N LEU C 211 34.77 -1.89 0.72
CA LEU C 211 35.21 -1.81 2.11
C LEU C 211 35.55 -3.12 2.82
N TRP C 212 34.71 -4.13 2.62
CA TRP C 212 34.92 -5.42 3.28
C TRP C 212 35.35 -6.58 2.39
N HIS C 213 35.63 -6.28 1.11
CA HIS C 213 36.06 -7.25 0.11
C HIS C 213 36.88 -6.51 -0.95
N PRO C 214 38.05 -5.98 -0.57
CA PRO C 214 38.94 -5.25 -1.49
C PRO C 214 39.67 -6.15 -2.49
N ASP C 215 39.99 -7.36 -2.04
CA ASP C 215 40.70 -8.31 -2.88
C ASP C 215 39.91 -8.69 -4.13
N VAL C 216 38.58 -8.56 -4.09
CA VAL C 216 37.74 -8.88 -5.23
C VAL C 216 38.31 -8.23 -6.49
N PRO C 217 38.49 -9.02 -7.56
CA PRO C 217 39.04 -8.54 -8.83
C PRO C 217 38.33 -7.31 -9.37
N GLY C 218 38.86 -6.74 -10.47
CA GLY C 218 38.27 -5.57 -11.09
C GLY C 218 39.17 -4.34 -11.15
N ASN C 219 39.02 -3.52 -12.19
CA ASN C 219 39.84 -2.31 -12.31
C ASN C 219 39.04 -1.02 -12.14
N MET C 220 37.81 -1.16 -11.65
CA MET C 220 36.93 -0.02 -11.44
C MET C 220 35.90 -0.36 -10.34
N ILE C 221 35.48 0.66 -9.59
CA ILE C 221 34.50 0.44 -8.52
C ILE C 221 33.44 1.56 -8.49
N ARG C 222 32.20 1.18 -8.23
CA ARG C 222 31.09 2.12 -8.17
C ARG C 222 30.82 2.48 -6.71
N TYR C 223 31.42 3.59 -6.28
CA TYR C 223 31.29 4.08 -4.90
C TYR C 223 30.01 4.89 -4.68
N GLY C 224 29.12 4.36 -3.85
CA GLY C 224 27.87 5.03 -3.56
C GLY C 224 27.78 5.66 -2.16
N VAL C 225 26.83 5.19 -1.36
CA VAL C 225 26.59 5.71 -0.01
C VAL C 225 27.81 6.10 0.78
N ALA C 226 28.87 5.32 0.69
CA ALA C 226 30.09 5.66 1.41
C ALA C 226 30.45 7.11 1.08
N MET C 227 30.26 7.49 -0.17
CA MET C 227 30.58 8.85 -0.59
C MET C 227 29.94 9.83 0.38
N TYR C 228 28.73 9.52 0.82
CA TYR C 228 28.00 10.39 1.72
C TYR C 228 28.22 10.06 3.20
N GLY C 229 29.26 9.25 3.45
CA GLY C 229 29.64 8.87 4.80
C GLY C 229 28.75 7.94 5.58
N LEU C 230 27.93 7.15 4.87
CA LEU C 230 27.02 6.23 5.52
C LEU C 230 27.53 4.80 5.46
N ASN C 231 27.62 4.16 6.61
CA ASN C 231 28.07 2.80 6.65
C ASN C 231 27.13 1.98 5.77
N PRO C 232 27.65 1.33 4.71
CA PRO C 232 26.77 0.54 3.84
C PRO C 232 26.08 -0.56 4.63
N SER C 233 26.82 -1.22 5.51
CA SER C 233 26.23 -2.31 6.30
C SER C 233 25.13 -1.86 7.25
N GLY C 234 24.91 -0.55 7.34
CA GLY C 234 23.89 -0.04 8.25
C GLY C 234 24.53 0.09 9.61
N ASN C 235 24.69 -1.03 10.30
CA ASN C 235 25.34 -1.05 11.59
C ASN C 235 26.11 -2.35 11.79
N LYS C 236 25.90 -3.30 10.88
CA LYS C 236 26.54 -4.61 10.93
C LYS C 236 28.06 -4.62 11.13
N LEU C 237 28.81 -3.97 10.26
CA LEU C 237 30.26 -3.95 10.38
C LEU C 237 30.84 -2.54 10.35
N ALA C 238 32.14 -2.42 10.63
CA ALA C 238 32.82 -1.14 10.66
C ALA C 238 33.58 -0.86 9.36
N PRO C 239 33.29 0.29 8.72
CA PRO C 239 34.00 0.61 7.48
C PRO C 239 35.52 0.55 7.68
N SER C 240 36.27 0.42 6.60
CA SER C 240 37.72 0.31 6.67
C SER C 240 38.36 1.62 7.08
N TYR C 241 37.58 2.70 7.04
CA TYR C 241 38.08 4.01 7.41
C TYR C 241 36.90 4.87 7.84
N ALA C 242 37.17 5.81 8.75
CA ALA C 242 36.14 6.70 9.27
C ALA C 242 35.46 7.51 8.17
N LEU C 243 34.17 7.30 7.98
CA LEU C 243 33.40 8.01 6.96
C LEU C 243 32.82 9.28 7.57
N LYS C 244 32.96 10.41 6.89
CA LYS C 244 32.44 11.67 7.40
C LYS C 244 31.04 11.99 6.84
N PRO C 245 30.01 12.01 7.70
CA PRO C 245 28.62 12.30 7.31
C PRO C 245 28.44 13.63 6.58
N ALA C 246 27.78 13.59 5.42
CA ALA C 246 27.59 14.80 4.62
C ALA C 246 26.17 15.36 4.57
N LEU C 247 25.25 14.74 5.30
CA LEU C 247 23.85 15.20 5.32
C LEU C 247 23.47 15.76 6.68
N ARG C 248 22.95 16.99 6.67
CA ARG C 248 22.54 17.66 7.90
C ARG C 248 21.18 18.29 7.64
N LEU C 249 20.25 18.12 8.58
CA LEU C 249 18.89 18.68 8.42
C LEU C 249 18.44 19.50 9.62
N THR C 250 18.05 20.75 9.38
CA THR C 250 17.60 21.61 10.47
C THR C 250 16.32 22.39 10.19
N SER C 251 15.74 22.92 11.26
CA SER C 251 14.54 23.74 11.19
C SER C 251 14.55 24.64 12.39
N GLU C 252 13.38 25.08 12.81
CA GLU C 252 13.29 25.93 13.98
C GLU C 252 11.87 26.02 14.50
N LEU C 253 11.74 26.46 15.74
CA LEU C 253 10.44 26.61 16.36
C LEU C 253 9.74 27.82 15.71
N ILE C 254 8.47 27.66 15.36
CA ILE C 254 7.72 28.76 14.76
C ILE C 254 6.54 29.12 15.63
N HIS C 255 6.39 28.41 16.75
CA HIS C 255 5.31 28.64 17.70
C HIS C 255 5.69 27.86 18.96
N VAL C 256 5.54 28.52 20.11
CA VAL C 256 5.83 27.93 21.42
C VAL C 256 4.56 28.05 22.26
N LYS C 257 4.33 27.11 23.16
CA LYS C 257 3.08 27.14 23.94
C LYS C 257 3.13 26.38 25.25
N ARG C 258 2.27 26.79 26.19
CA ARG C 258 2.15 26.17 27.51
C ARG C 258 0.80 25.44 27.50
N LEU C 259 0.83 24.11 27.55
CA LEU C 259 -0.40 23.35 27.54
C LEU C 259 -0.71 22.79 28.92
N ALA C 260 -2.00 22.84 29.27
CA ALA C 260 -2.47 22.34 30.56
C ALA C 260 -2.48 20.83 30.46
N ALA C 261 -2.66 20.16 31.59
CA ALA C 261 -2.71 18.71 31.60
C ALA C 261 -4.00 18.23 30.98
N GLY C 262 -3.95 17.14 30.22
CA GLY C 262 -5.15 16.61 29.62
C GLY C 262 -5.59 17.24 28.30
N GLU C 263 -4.63 17.81 27.57
CA GLU C 263 -4.92 18.42 26.27
C GLU C 263 -4.37 17.48 25.22
N GLY C 264 -5.20 17.16 24.24
CA GLY C 264 -4.76 16.27 23.20
C GLY C 264 -4.05 17.02 22.09
N ILE C 265 -3.00 16.42 21.55
CA ILE C 265 -2.29 17.06 20.45
C ILE C 265 -2.10 16.06 19.29
N GLY C 266 -2.35 16.55 18.07
CA GLY C 266 -2.22 15.73 16.87
C GLY C 266 -3.53 15.09 16.42
N TYR C 267 -3.53 14.52 15.21
CA TYR C 267 -4.72 13.87 14.68
C TYR C 267 -5.05 12.66 15.53
N GLY C 268 -6.35 12.39 15.68
CA GLY C 268 -6.79 11.26 16.48
C GLY C 268 -6.34 11.35 17.93
N GLU C 269 -5.91 12.53 18.35
CA GLU C 269 -5.42 12.73 19.71
C GLU C 269 -4.72 11.49 20.25
N THR C 270 -3.69 11.04 19.53
CA THR C 270 -2.94 9.85 19.93
C THR C 270 -2.06 10.25 21.10
N TYR C 271 -1.99 11.54 21.38
CA TYR C 271 -1.18 12.01 22.50
C TYR C 271 -2.01 12.90 23.43
N VAL C 272 -1.77 12.77 24.73
CA VAL C 272 -2.49 13.54 25.76
C VAL C 272 -1.56 13.98 26.89
N THR C 273 -1.52 15.29 27.13
CA THR C 273 -0.66 15.86 28.17
C THR C 273 -0.85 15.22 29.54
N GLU C 274 0.26 14.81 30.14
CA GLU C 274 0.26 14.20 31.46
C GLU C 274 0.32 15.34 32.49
N ALA C 275 0.78 16.50 32.04
CA ALA C 275 0.89 17.65 32.92
C ALA C 275 1.30 18.90 32.14
N GLU C 276 1.73 19.92 32.87
CA GLU C 276 2.16 21.17 32.27
C GLU C 276 3.24 20.79 31.26
N GLU C 277 3.07 21.21 30.01
CA GLU C 277 4.08 20.87 29.01
C GLU C 277 4.36 21.98 28.00
N TRP C 278 5.64 22.24 27.76
CA TRP C 278 6.04 23.24 26.78
C TRP C 278 6.15 22.53 25.44
N ILE C 279 5.25 22.87 24.53
CA ILE C 279 5.24 22.24 23.22
C ILE C 279 5.68 23.15 22.10
N GLY C 280 6.62 22.66 21.29
CA GLY C 280 7.11 23.44 20.17
C GLY C 280 6.51 22.98 18.85
N THR C 281 6.33 23.90 17.92
CA THR C 281 5.76 23.54 16.64
C THR C 281 6.81 23.75 15.56
N VAL C 282 7.21 22.64 14.93
CA VAL C 282 8.24 22.68 13.91
C VAL C 282 7.61 22.56 12.52
N PRO C 283 8.02 23.43 11.60
CA PRO C 283 7.51 23.44 10.22
C PRO C 283 8.12 22.43 9.23
N ILE C 284 8.08 21.14 9.59
CA ILE C 284 8.56 20.08 8.71
C ILE C 284 7.56 18.94 8.86
N GLY C 285 7.07 18.42 7.74
CA GLY C 285 6.11 17.33 7.81
C GLY C 285 6.55 16.10 7.04
N TYR C 286 5.63 15.17 6.81
CA TYR C 286 5.97 13.96 6.08
C TYR C 286 6.00 14.22 4.59
N ALA C 287 5.50 15.38 4.17
CA ALA C 287 5.53 15.74 2.76
C ALA C 287 6.95 16.20 2.49
N ASP C 288 7.65 16.55 3.56
CA ASP C 288 9.03 16.99 3.43
C ASP C 288 9.91 15.74 3.47
N GLY C 289 9.37 14.66 3.99
CA GLY C 289 10.14 13.44 4.09
C GLY C 289 10.17 12.92 5.51
N TRP C 290 9.93 13.80 6.48
CA TRP C 290 9.91 13.45 7.91
C TRP C 290 8.62 12.63 8.10
N LEU C 291 8.74 11.34 7.88
CA LEU C 291 7.62 10.43 7.96
C LEU C 291 6.93 10.30 9.31
N ARG C 292 5.67 9.88 9.23
CA ARG C 292 4.81 9.70 10.38
C ARG C 292 5.36 8.69 11.41
N HIS C 293 5.95 7.61 10.94
CA HIS C 293 6.47 6.63 11.88
C HIS C 293 7.63 7.15 12.67
N LEU C 294 7.97 8.41 12.43
CA LEU C 294 9.05 9.05 13.15
C LEU C 294 8.53 9.53 14.48
N GLN C 295 7.20 9.44 14.65
CA GLN C 295 6.58 9.87 15.90
C GLN C 295 7.23 9.13 17.09
N GLY C 296 7.70 9.89 18.08
CA GLY C 296 8.34 9.30 19.24
C GLY C 296 9.83 9.53 19.21
N PHE C 297 10.31 9.81 18.01
CA PHE C 297 11.73 10.08 17.77
C PHE C 297 12.05 11.41 18.46
N THR C 298 13.29 11.60 18.86
CA THR C 298 13.66 12.85 19.54
C THR C 298 14.64 13.69 18.78
N VAL C 299 14.27 14.95 18.56
CA VAL C 299 15.12 15.88 17.84
C VAL C 299 15.87 16.81 18.79
N LEU C 300 16.71 17.67 18.24
CA LEU C 300 17.52 18.53 19.07
C LEU C 300 17.25 20.03 19.05
N VAL C 301 17.39 20.64 20.22
CA VAL C 301 17.24 22.08 20.42
C VAL C 301 18.06 22.44 21.67
N ASN C 302 18.90 23.46 21.52
CA ASN C 302 19.79 23.91 22.59
C ASN C 302 20.48 22.72 23.22
N GLY C 303 20.84 21.76 22.37
CA GLY C 303 21.56 20.59 22.84
C GLY C 303 20.81 19.64 23.73
N LYS C 304 19.49 19.80 23.81
CA LYS C 304 18.68 18.91 24.63
C LYS C 304 17.72 18.13 23.74
N ARG C 305 17.42 16.89 24.11
CA ARG C 305 16.53 16.07 23.31
C ARG C 305 15.07 16.34 23.59
N CYS C 306 14.27 16.34 22.53
CA CYS C 306 12.84 16.57 22.62
C CYS C 306 12.10 15.51 21.81
N GLU C 307 11.06 14.94 22.40
CA GLU C 307 10.27 13.90 21.76
C GLU C 307 9.19 14.42 20.81
N ILE C 308 9.04 13.77 19.67
CA ILE C 308 8.00 14.18 18.76
C ILE C 308 6.74 13.60 19.37
N VAL C 309 5.86 14.46 19.83
CA VAL C 309 4.62 14.00 20.44
C VAL C 309 3.46 14.22 19.49
N GLY C 310 2.54 13.26 19.46
CA GLY C 310 1.38 13.36 18.59
C GLY C 310 1.70 13.03 17.13
N ARG C 311 0.65 12.85 16.34
CA ARG C 311 0.86 12.54 14.93
C ARG C 311 1.63 13.62 14.20
N VAL C 312 2.54 13.20 13.32
CA VAL C 312 3.31 14.12 12.51
C VAL C 312 2.31 14.54 11.43
N CYS C 313 2.34 15.80 11.03
CA CYS C 313 1.44 16.32 10.00
C CYS C 313 2.14 16.36 8.64
N MET C 314 1.38 16.76 7.62
CA MET C 314 1.93 16.86 6.30
C MET C 314 3.00 17.95 6.28
N ASP C 315 2.73 19.08 6.92
CA ASP C 315 3.69 20.19 6.92
C ASP C 315 4.33 20.59 8.24
N GLN C 316 4.01 19.88 9.30
CA GLN C 316 4.62 20.20 10.58
C GLN C 316 4.41 19.13 11.64
N CYS C 317 5.11 19.27 12.76
CA CYS C 317 4.98 18.33 13.87
C CYS C 317 5.26 19.06 15.16
N MET C 318 4.85 18.42 16.25
CA MET C 318 4.99 18.98 17.60
C MET C 318 5.97 18.23 18.49
N ILE C 319 6.82 18.98 19.19
CA ILE C 319 7.81 18.40 20.10
C ILE C 319 7.66 18.98 21.50
N ARG C 320 7.96 18.15 22.50
CA ARG C 320 7.88 18.56 23.89
C ARG C 320 9.20 19.24 24.22
N LEU C 321 9.13 20.52 24.56
CA LEU C 321 10.33 21.25 24.90
C LEU C 321 10.63 21.02 26.36
N ALA C 322 11.91 20.90 26.69
CA ALA C 322 12.34 20.69 28.07
C ALA C 322 11.86 21.84 28.96
N GLU C 323 12.26 23.06 28.62
CA GLU C 323 11.86 24.23 29.40
C GLU C 323 11.47 25.37 28.45
N GLU C 324 10.72 26.34 28.97
CA GLU C 324 10.28 27.47 28.17
C GLU C 324 11.37 27.90 27.21
N VAL C 325 10.97 28.39 26.05
CA VAL C 325 11.88 28.82 25.01
C VAL C 325 11.10 29.69 24.03
N PRO C 326 11.76 30.69 23.44
CA PRO C 326 11.03 31.54 22.49
C PRO C 326 10.93 30.85 21.14
N VAL C 327 10.26 31.50 20.18
CA VAL C 327 10.18 30.96 18.84
C VAL C 327 11.50 31.39 18.21
N GLY C 328 12.11 30.52 17.41
CA GLY C 328 13.38 30.89 16.80
C GLY C 328 14.53 29.93 17.06
N PRO C 329 14.62 29.30 18.23
CA PRO C 329 15.73 28.36 18.48
C PRO C 329 15.83 27.31 17.35
N VAL C 330 17.04 27.04 16.86
CA VAL C 330 17.25 26.08 15.78
C VAL C 330 17.01 24.62 16.18
N VAL C 331 16.21 23.94 15.37
CA VAL C 331 15.89 22.54 15.61
C VAL C 331 16.70 21.62 14.71
N THR C 332 17.64 20.90 15.31
CA THR C 332 18.48 19.98 14.57
C THR C 332 17.80 18.62 14.49
N LEU C 333 17.47 18.19 13.28
CA LEU C 333 16.83 16.90 13.13
C LEU C 333 17.81 15.82 12.73
N VAL C 334 18.83 16.23 11.99
CA VAL C 334 19.87 15.31 11.56
C VAL C 334 21.19 16.03 11.70
N GLY C 335 21.99 15.63 12.70
CA GLY C 335 23.26 16.27 12.90
C GLY C 335 23.61 16.37 14.38
N LYS C 336 24.74 17.00 14.67
CA LYS C 336 25.21 17.20 16.05
C LYS C 336 24.71 18.52 16.65
N ASP C 337 24.57 18.54 17.97
CA ASP C 337 24.12 19.71 18.71
C ASP C 337 24.43 19.40 20.16
N GLY C 338 25.57 19.90 20.63
CA GLY C 338 26.01 19.66 21.99
C GLY C 338 26.64 18.29 22.04
N ASN C 339 26.15 17.46 22.96
CA ASN C 339 26.68 16.11 23.08
C ASN C 339 25.81 15.15 22.29
N GLU C 340 24.61 15.59 21.95
CA GLU C 340 23.69 14.75 21.21
C GLU C 340 23.85 14.91 19.71
N GLU C 341 23.65 13.82 18.99
CA GLU C 341 23.74 13.80 17.54
C GLU C 341 22.74 12.80 17.01
N ASN C 342 22.09 13.17 15.91
CA ASN C 342 21.13 12.31 15.27
C ASN C 342 21.69 11.90 13.93
N THR C 343 21.91 10.61 13.75
CA THR C 343 22.43 10.09 12.49
C THR C 343 21.27 9.58 11.66
N LEU C 344 21.46 9.54 10.34
CA LEU C 344 20.42 9.04 9.45
C LEU C 344 20.16 7.59 9.82
N GLN C 345 21.21 6.93 10.33
CA GLN C 345 21.09 5.55 10.76
C GLN C 345 20.06 5.53 11.88
N MET C 346 20.17 6.51 12.78
CA MET C 346 19.23 6.58 13.89
C MET C 346 17.81 6.78 13.35
N VAL C 347 17.66 7.72 12.42
CA VAL C 347 16.34 7.97 11.81
C VAL C 347 15.86 6.67 11.17
N ALA C 348 16.75 6.05 10.40
CA ALA C 348 16.47 4.80 9.71
C ALA C 348 15.97 3.67 10.61
N GLU C 349 16.68 3.43 11.71
CA GLU C 349 16.31 2.35 12.62
C GLU C 349 14.93 2.58 13.22
N LYS C 350 14.61 3.85 13.45
CA LYS C 350 13.30 4.22 13.99
C LYS C 350 12.25 3.98 12.91
N LEU C 351 12.66 4.18 11.65
CA LEU C 351 11.79 3.98 10.49
C LEU C 351 11.83 2.55 9.96
N GLU C 352 12.65 1.72 10.61
CA GLU C 352 12.78 0.32 10.23
C GLU C 352 13.14 0.14 8.77
N THR C 353 14.05 0.97 8.29
CA THR C 353 14.55 0.90 6.92
C THR C 353 16.06 1.12 7.00
N ILE C 354 16.60 1.64 5.91
CA ILE C 354 18.01 1.92 5.81
C ILE C 354 18.13 3.39 5.40
N HIS C 355 19.25 4.02 5.71
CA HIS C 355 19.39 5.42 5.36
C HIS C 355 19.34 5.68 3.85
N TYR C 356 19.61 4.65 3.04
CA TYR C 356 19.56 4.85 1.59
C TYR C 356 18.20 5.43 1.26
N GLU C 357 17.17 4.88 1.90
CA GLU C 357 15.79 5.32 1.68
C GLU C 357 15.47 6.64 2.36
N VAL C 358 15.89 6.80 3.62
CA VAL C 358 15.61 8.02 4.34
C VAL C 358 16.04 9.23 3.52
N ALA C 359 17.30 9.20 3.08
CA ALA C 359 17.88 10.27 2.28
C ALA C 359 17.13 10.58 0.97
N CYS C 360 16.77 9.55 0.21
CA CYS C 360 16.05 9.79 -1.04
C CYS C 360 14.68 10.39 -0.77
N THR C 361 14.02 9.88 0.26
CA THR C 361 12.70 10.35 0.61
C THR C 361 12.61 11.86 0.87
N PHE C 362 13.74 12.47 1.18
CA PHE C 362 13.78 13.91 1.45
C PHE C 362 13.30 14.68 0.18
N SER C 363 12.15 15.34 0.29
CA SER C 363 11.55 16.09 -0.82
C SER C 363 12.37 17.25 -1.39
N GLN C 364 12.01 17.65 -2.61
CA GLN C 364 12.68 18.75 -3.26
C GLN C 364 12.23 20.07 -2.63
N ARG C 365 11.12 20.00 -1.89
CA ARG C 365 10.58 21.16 -1.19
C ARG C 365 11.55 21.67 -0.14
N ILE C 366 12.53 20.84 0.18
CA ILE C 366 13.53 21.21 1.19
C ILE C 366 14.78 21.80 0.55
N PRO C 367 14.96 23.13 0.65
CA PRO C 367 16.15 23.73 0.06
C PRO C 367 17.40 23.10 0.65
N ARG C 368 18.38 22.84 -0.19
CA ARG C 368 19.63 22.26 0.25
C ARG C 368 20.69 23.33 0.08
N GLU C 369 21.43 23.58 1.16
CA GLU C 369 22.48 24.58 1.15
C GLU C 369 23.82 23.86 1.23
N TYR C 370 24.77 24.29 0.41
CA TYR C 370 26.09 23.64 0.39
C TYR C 370 27.16 24.53 1.01
N ASN C 371 27.73 24.03 2.11
CA ASN C 371 28.77 24.72 2.87
C ASN C 371 29.08 26.11 2.35
#